data_6G1W
#
_entry.id   6G1W
#
_cell.length_a   91.820
_cell.length_b   106.810
_cell.length_c   151.670
_cell.angle_alpha   90.00
_cell.angle_beta   90.00
_cell.angle_gamma   90.00
#
_symmetry.space_group_name_H-M   'P 21 21 21'
#
loop_
_entity.id
_entity.type
_entity.pdbx_description
1 polymer Acetylcholinesterase
2 non-polymer 2-acetamido-2-deoxy-beta-D-glucopyranose
3 non-polymer 2-[1-[2-[(3-chloranylacridin-9-yl)amino]ethyl]-1,2,3-triazol-4-yl]-~{N}-[(3-methoxy-4-oxidanyl-phenyl)methyl]ethanamide
4 non-polymer 'CHLORIDE ION'
5 water water
#
_entity_poly.entity_id   1
_entity_poly.type   'polypeptide(L)'
_entity_poly.pdbx_seq_one_letter_code
;DDHSELLVNTKSGKVMGTRVPVLSSHISAFLGIPFAEPPVGNMRFRRPEPKKPWSGVWNASTYPNNCQQYVDEQFPGFSG
SEMWNPNREMSEDCLYLNIWVPSPRPKSTTVMVWIYGGGFYSGSSTLDVYNGKYLAYTEEVVLVSLSYRVGAFGFLALHG
SQEAPGNVGLLDQRMALQWVHDNIQFFGGDPKTVTIFGESAGGASVGMHILSPGSRDLFRRAILQSGSPNCPWASVSVAE
GRRRAVELGRNLNCNLNSDEELIHCLREKKPQELIDVEWNVLPFDSIFRFSFVPVIDGEFFPTSLESMLNSGNFKKTQIL
LGVNKDEGSFFLLYGAPGFSKDSESKISREDFMSGVKLSVPHANDLGLDAVTLQYTDWMDDNNGIKNRDGLDDIVGDHNV
ICPLMHFVNKYTKFGNGTYLYFFNHRASNLVWPEWMGVIHGYEIEFVFGLPLVKELNYTAEEEALSRRIMHYWATFAKTG
NPNEPHSQESKWPLFTTKEQKFIDLNTEPMKVHQRLRVQMCVFWNQFLPKLLNATACDGELSSSGTSSSKGIIFYVLFSI
LYLIF
;
_entity_poly.pdbx_strand_id   A,B
#
# COMPACT_ATOMS: atom_id res chain seq x y z
N SER A 4 -35.42 19.77 50.45
CA SER A 4 -36.30 18.65 50.17
C SER A 4 -35.97 18.01 48.83
N GLU A 5 -36.34 18.69 47.75
CA GLU A 5 -35.86 18.26 46.44
C GLU A 5 -34.37 18.53 46.30
N LEU A 6 -33.87 19.60 46.92
CA LEU A 6 -32.47 19.98 46.85
C LEU A 6 -31.66 19.49 48.03
N LEU A 7 -32.29 18.86 49.02
CA LEU A 7 -31.60 18.36 50.20
C LEU A 7 -31.66 16.84 50.17
N VAL A 8 -30.51 16.20 49.94
CA VAL A 8 -30.44 14.76 49.80
C VAL A 8 -29.49 14.21 50.86
N ASN A 9 -29.91 13.15 51.55
CA ASN A 9 -29.04 12.44 52.48
C ASN A 9 -28.40 11.25 51.76
N THR A 10 -27.07 11.25 51.70
CA THR A 10 -26.35 10.15 51.11
C THR A 10 -25.72 9.32 52.21
N LYS A 11 -25.08 8.22 51.81
CA LYS A 11 -24.41 7.36 52.77
C LYS A 11 -23.23 8.04 53.44
N SER A 12 -22.75 9.15 52.90
CA SER A 12 -21.62 9.85 53.48
C SER A 12 -22.02 11.16 54.15
N GLY A 13 -23.31 11.53 54.11
CA GLY A 13 -23.76 12.76 54.72
C GLY A 13 -24.71 13.53 53.83
N LYS A 14 -25.24 14.64 54.34
CA LYS A 14 -26.24 15.41 53.62
C LYS A 14 -25.59 16.35 52.61
N VAL A 15 -26.27 16.52 51.47
CA VAL A 15 -25.84 17.43 50.41
CA VAL A 15 -25.84 17.45 50.44
C VAL A 15 -27.01 18.35 50.09
N MET A 16 -26.71 19.61 49.79
CA MET A 16 -27.72 20.58 49.37
C MET A 16 -27.36 21.09 47.99
N GLY A 17 -28.19 20.79 47.00
CA GLY A 17 -28.01 21.27 45.65
C GLY A 17 -28.63 22.63 45.42
N THR A 18 -28.83 22.96 44.15
CA THR A 18 -29.33 24.27 43.72
C THR A 18 -30.24 24.09 42.53
N ARG A 19 -31.20 25.01 42.38
CA ARG A 19 -32.15 24.98 41.28
CA ARG A 19 -32.15 24.98 41.28
C ARG A 19 -31.60 25.80 40.13
N VAL A 20 -31.36 25.14 38.98
CA VAL A 20 -30.72 25.85 37.87
C VAL A 20 -31.71 26.00 36.72
N PRO A 21 -31.63 27.10 35.97
CA PRO A 21 -32.48 27.24 34.79
C PRO A 21 -31.94 26.43 33.62
N VAL A 22 -32.87 25.88 32.83
CA VAL A 22 -32.50 25.20 31.60
C VAL A 22 -33.62 25.36 30.59
N LEU A 23 -33.37 26.10 29.51
CA LEU A 23 -34.25 26.19 28.35
C LEU A 23 -35.69 26.51 28.76
N SER A 24 -35.84 27.63 29.47
CA SER A 24 -37.15 28.10 29.93
C SER A 24 -37.80 27.13 30.91
N SER A 25 -36.99 26.35 31.62
CA SER A 25 -37.47 25.48 32.70
C SER A 25 -36.37 25.42 33.76
N HIS A 26 -36.42 24.39 34.62
CA HIS A 26 -35.48 24.29 35.72
C HIS A 26 -35.24 22.81 36.04
N ILE A 27 -34.05 22.52 36.58
CA ILE A 27 -33.74 21.21 37.13
C ILE A 27 -32.86 21.40 38.35
N SER A 28 -32.55 20.29 39.02
CA SER A 28 -31.73 20.29 40.22
C SER A 28 -30.29 19.93 39.88
N ALA A 29 -29.34 20.69 40.43
CA ALA A 29 -27.92 20.46 40.24
C ALA A 29 -27.25 20.31 41.59
N PHE A 30 -26.43 19.26 41.72
CA PHE A 30 -25.63 19.00 42.91
C PHE A 30 -24.18 19.00 42.43
N LEU A 31 -23.48 20.12 42.66
CA LEU A 31 -22.16 20.35 42.10
C LEU A 31 -21.09 20.19 43.16
N GLY A 32 -19.99 19.54 42.80
CA GLY A 32 -18.85 19.39 43.69
C GLY A 32 -19.05 18.46 44.87
N ILE A 33 -19.74 17.34 44.69
CA ILE A 33 -19.87 16.36 45.77
C ILE A 33 -18.58 15.57 45.89
N PRO A 34 -18.00 15.46 47.08
CA PRO A 34 -16.74 14.70 47.21
C PRO A 34 -17.00 13.20 47.22
N PHE A 35 -16.16 12.46 46.48
CA PHE A 35 -16.29 11.01 46.50
C PHE A 35 -15.04 10.33 47.00
N ALA A 36 -13.98 11.09 47.29
CA ALA A 36 -12.74 10.53 47.80
C ALA A 36 -12.18 11.50 48.84
N GLU A 37 -11.30 10.98 49.69
CA GLU A 37 -10.47 11.86 50.49
C GLU A 37 -9.54 12.65 49.56
N PRO A 38 -9.28 13.91 49.86
CA PRO A 38 -8.30 14.68 49.05
C PRO A 38 -6.97 13.96 48.99
N PRO A 39 -6.49 13.61 47.73
CA PRO A 39 -5.22 12.87 47.59
C PRO A 39 -4.00 13.79 47.64
N VAL A 40 -3.81 14.44 48.79
CA VAL A 40 -2.83 15.50 48.91
C VAL A 40 -1.74 15.08 49.89
N GLY A 41 -0.64 15.83 49.90
CA GLY A 41 0.46 15.52 50.80
C GLY A 41 1.02 14.14 50.56
N ASN A 42 1.08 13.33 51.62
CA ASN A 42 1.60 11.98 51.51
C ASN A 42 0.69 11.06 50.72
N MET A 43 -0.49 11.52 50.36
CA MET A 43 -1.37 10.70 49.53
CA MET A 43 -1.39 10.72 49.53
C MET A 43 -1.19 10.97 48.05
N ARG A 44 -0.28 11.87 47.67
CA ARG A 44 0.04 12.05 46.26
C ARG A 44 0.57 10.74 45.71
N PHE A 45 0.04 10.33 44.55
CA PHE A 45 0.36 9.13 43.77
C PHE A 45 -0.30 7.87 44.33
N ARG A 46 -0.94 7.91 45.50
CA ARG A 46 -1.53 6.70 46.07
C ARG A 46 -2.93 6.46 45.50
N ARG A 47 -3.38 5.21 45.62
CA ARG A 47 -4.76 4.88 45.36
C ARG A 47 -5.69 5.77 46.16
N PRO A 48 -6.86 6.14 45.63
CA PRO A 48 -7.77 6.98 46.40
C PRO A 48 -8.38 6.17 47.54
N GLU A 49 -8.83 6.92 48.56
CA GLU A 49 -9.54 6.39 49.72
C GLU A 49 -10.96 6.98 49.76
N PRO A 50 -11.97 6.20 50.16
CA PRO A 50 -13.33 6.74 50.23
C PRO A 50 -13.38 8.00 51.08
N LYS A 51 -14.24 8.93 50.68
CA LYS A 51 -14.43 10.15 51.46
C LYS A 51 -15.05 9.82 52.80
N LYS A 52 -14.46 10.32 53.87
CA LYS A 52 -15.00 10.03 55.19
C LYS A 52 -16.30 10.81 55.41
N PRO A 53 -17.29 10.22 56.08
CA PRO A 53 -18.55 10.93 56.29
C PRO A 53 -18.35 12.24 57.03
N TRP A 54 -19.21 13.20 56.69
CA TRP A 54 -19.21 14.52 57.29
C TRP A 54 -20.56 14.76 57.96
N SER A 55 -20.55 15.59 58.99
CA SER A 55 -21.80 16.05 59.58
C SER A 55 -22.16 17.41 58.98
N GLY A 56 -23.40 17.82 59.17
CA GLY A 56 -23.86 19.03 58.55
C GLY A 56 -24.16 18.83 57.08
N VAL A 57 -24.35 19.94 56.39
CA VAL A 57 -24.86 19.94 55.02
C VAL A 57 -23.74 20.37 54.09
N TRP A 58 -23.36 19.49 53.17
CA TRP A 58 -22.40 19.86 52.13
C TRP A 58 -23.06 20.82 51.17
N ASN A 59 -22.48 22.01 51.02
CA ASN A 59 -22.93 23.01 50.04
C ASN A 59 -22.54 22.53 48.65
N ALA A 60 -23.50 22.00 47.90
CA ALA A 60 -23.22 21.51 46.55
C ALA A 60 -23.82 22.45 45.51
N SER A 61 -23.63 23.75 45.69
CA SER A 61 -24.20 24.74 44.80
C SER A 61 -23.19 25.28 43.79
N THR A 62 -21.92 24.85 43.86
CA THR A 62 -20.83 25.45 43.13
C THR A 62 -19.93 24.37 42.54
N TYR A 63 -19.44 24.59 41.32
CA TYR A 63 -18.47 23.68 40.73
C TYR A 63 -17.24 23.54 41.64
N PRO A 64 -16.63 22.37 41.69
CA PRO A 64 -15.40 22.15 42.48
C PRO A 64 -14.17 22.72 41.76
N ASN A 65 -13.02 22.60 42.42
CA ASN A 65 -11.72 22.81 41.80
C ASN A 65 -11.50 21.79 40.68
N ASN A 66 -10.60 22.14 39.77
CA ASN A 66 -10.11 21.24 38.73
C ASN A 66 -8.77 20.63 39.17
N CYS A 67 -8.48 19.42 38.71
CA CYS A 67 -7.21 18.79 39.07
C CYS A 67 -6.04 19.56 38.45
N GLN A 68 -4.86 19.39 39.04
CA GLN A 68 -3.66 20.08 38.54
C GLN A 68 -3.28 19.52 37.17
N GLN A 69 -2.99 20.41 36.21
CA GLN A 69 -2.72 19.95 34.85
C GLN A 69 -2.01 21.04 34.04
N TYR A 70 -1.36 20.58 32.97
CA TYR A 70 -0.83 21.49 31.95
C TYR A 70 -1.94 22.38 31.40
N VAL A 71 -1.65 23.66 31.24
CA VAL A 71 -2.62 24.63 30.74
C VAL A 71 -2.14 25.08 29.36
N ASP A 72 -3.05 25.03 28.37
CA ASP A 72 -2.72 25.35 26.99
C ASP A 72 -2.71 26.87 26.79
N GLU A 73 -1.55 27.46 26.52
CA GLU A 73 -1.43 28.89 26.26
CA GLU A 73 -1.50 28.88 26.24
C GLU A 73 -1.00 29.18 24.83
N GLN A 74 -1.18 28.22 23.92
CA GLN A 74 -0.74 28.42 22.54
C GLN A 74 -1.46 29.60 21.90
N PHE A 75 -2.75 29.75 22.17
CA PHE A 75 -3.59 30.77 21.53
C PHE A 75 -4.31 31.56 22.63
N PRO A 76 -3.63 32.53 23.25
CA PRO A 76 -4.20 33.21 24.42
C PRO A 76 -5.44 34.03 24.04
N GLY A 77 -6.50 33.90 24.84
CA GLY A 77 -7.73 34.57 24.55
C GLY A 77 -8.57 33.96 23.45
N PHE A 78 -8.08 32.91 22.80
CA PHE A 78 -8.83 32.24 21.75
C PHE A 78 -9.81 31.24 22.36
N SER A 79 -11.09 31.42 22.07
CA SER A 79 -12.09 30.57 22.73
C SER A 79 -11.95 29.12 22.32
N GLY A 80 -11.43 28.85 21.12
CA GLY A 80 -11.38 27.49 20.62
C GLY A 80 -10.45 26.60 21.42
N SER A 81 -9.37 27.18 21.96
CA SER A 81 -8.46 26.45 22.82
C SER A 81 -8.73 26.66 24.30
N GLU A 82 -9.08 27.89 24.70
CA GLU A 82 -9.31 28.15 26.13
C GLU A 82 -10.56 27.46 26.67
N MET A 83 -11.55 27.17 25.82
CA MET A 83 -12.74 26.46 26.32
C MET A 83 -12.42 25.07 26.86
N TRP A 84 -11.24 24.52 26.60
CA TRP A 84 -10.85 23.21 27.13
C TRP A 84 -9.99 23.30 28.38
N ASN A 85 -9.47 24.47 28.70
CA ASN A 85 -8.62 24.68 29.86
C ASN A 85 -9.45 24.71 31.14
N PRO A 86 -8.82 24.50 32.29
CA PRO A 86 -9.54 24.67 33.56
C PRO A 86 -10.23 26.01 33.66
N ASN A 87 -11.50 25.99 34.07
CA ASN A 87 -12.25 27.21 34.32
C ASN A 87 -12.51 27.42 35.81
N ARG A 88 -11.89 26.59 36.65
CA ARG A 88 -11.90 26.79 38.09
CA ARG A 88 -11.90 26.75 38.10
C ARG A 88 -10.46 26.74 38.58
N GLU A 89 -10.26 27.12 39.84
CA GLU A 89 -8.92 27.04 40.41
C GLU A 89 -8.44 25.60 40.37
N MET A 90 -7.15 25.41 40.10
CA MET A 90 -6.57 24.07 40.09
C MET A 90 -6.09 23.70 41.49
N SER A 91 -6.32 22.46 41.88
CA SER A 91 -5.88 21.98 43.18
C SER A 91 -5.70 20.47 43.12
N GLU A 92 -4.77 19.95 43.93
CA GLU A 92 -4.73 18.51 44.10
C GLU A 92 -5.97 17.99 44.82
N ASP A 93 -6.66 18.86 45.57
CA ASP A 93 -7.94 18.53 46.18
C ASP A 93 -9.02 18.69 45.11
N CYS A 94 -9.21 17.64 44.31
CA CYS A 94 -10.08 17.79 43.14
C CYS A 94 -10.95 16.58 42.87
N LEU A 95 -11.11 15.64 43.81
CA LEU A 95 -11.88 14.44 43.49
C LEU A 95 -13.35 14.66 43.85
N TYR A 96 -14.09 15.20 42.89
CA TYR A 96 -15.48 15.58 43.10
C TYR A 96 -16.30 15.14 41.88
N LEU A 97 -17.61 15.05 42.10
CA LEU A 97 -18.52 14.75 40.99
C LEU A 97 -19.70 15.70 41.04
N ASN A 98 -20.41 15.78 39.91
CA ASN A 98 -21.55 16.67 39.71
C ASN A 98 -22.73 15.87 39.20
N ILE A 99 -23.93 16.25 39.66
CA ILE A 99 -25.16 15.53 39.31
C ILE A 99 -26.23 16.53 38.89
N TRP A 100 -26.85 16.28 37.73
CA TRP A 100 -28.03 17.00 37.30
C TRP A 100 -29.24 16.06 37.36
N VAL A 101 -30.30 16.51 38.01
CA VAL A 101 -31.47 15.66 38.30
C VAL A 101 -32.73 16.33 37.77
N PRO A 102 -33.54 15.66 36.95
CA PRO A 102 -34.79 16.26 36.48
C PRO A 102 -35.67 16.68 37.64
N SER A 103 -36.45 17.74 37.43
CA SER A 103 -37.41 18.23 38.41
C SER A 103 -38.83 18.11 37.87
N PRO A 104 -39.70 17.35 38.54
CA PRO A 104 -39.50 16.72 39.86
C PRO A 104 -38.59 15.48 39.79
N ARG A 105 -38.02 15.10 40.92
CA ARG A 105 -37.09 13.98 40.96
C ARG A 105 -37.76 12.70 40.49
N PRO A 106 -37.24 12.02 39.47
CA PRO A 106 -37.84 10.76 39.03
C PRO A 106 -37.69 9.69 40.09
N LYS A 107 -38.39 8.58 39.89
CA LYS A 107 -38.37 7.54 40.91
C LYS A 107 -37.10 6.70 40.81
N SER A 108 -36.83 6.13 39.63
CA SER A 108 -35.72 5.20 39.45
C SER A 108 -35.27 5.18 37.98
N THR A 109 -34.62 6.24 37.52
CA THR A 109 -34.39 6.41 36.09
C THR A 109 -32.96 6.09 35.67
N THR A 110 -32.75 6.06 34.35
CA THR A 110 -31.46 5.76 33.76
C THR A 110 -30.40 6.78 34.17
N VAL A 111 -29.19 6.29 34.47
CA VAL A 111 -28.06 7.12 34.87
C VAL A 111 -27.02 7.09 33.76
N MET A 112 -26.44 8.26 33.46
CA MET A 112 -25.31 8.36 32.53
C MET A 112 -24.17 9.10 33.23
N VAL A 113 -22.96 8.50 33.19
CA VAL A 113 -21.80 9.03 33.89
C VAL A 113 -20.75 9.43 32.86
N TRP A 114 -20.42 10.71 32.81
CA TRP A 114 -19.47 11.26 31.84
C TRP A 114 -18.04 11.20 32.38
N ILE A 115 -17.11 10.72 31.54
CA ILE A 115 -15.69 10.66 31.87
C ILE A 115 -14.94 11.53 30.86
N TYR A 116 -14.37 12.65 31.31
CA TYR A 116 -13.72 13.56 30.37
C TYR A 116 -12.43 12.96 29.80
N GLY A 117 -12.06 13.43 28.62
CA GLY A 117 -10.80 13.09 28.00
C GLY A 117 -9.79 14.21 28.14
N GLY A 118 -8.76 14.16 27.29
CA GLY A 118 -7.65 15.10 27.41
C GLY A 118 -6.30 14.43 27.55
N GLY A 119 -6.11 13.29 26.86
CA GLY A 119 -4.83 12.61 26.78
C GLY A 119 -4.30 12.05 28.10
N PHE A 120 -5.14 11.95 29.13
CA PHE A 120 -4.76 11.57 30.49
C PHE A 120 -3.86 12.60 31.17
N TYR A 121 -3.62 13.76 30.54
CA TYR A 121 -2.81 14.78 31.17
C TYR A 121 -3.57 16.07 31.42
N SER A 122 -4.82 16.18 30.98
CA SER A 122 -5.64 17.35 31.19
C SER A 122 -7.11 16.93 31.20
N GLY A 123 -7.97 17.89 31.47
CA GLY A 123 -9.40 17.63 31.55
C GLY A 123 -10.01 18.17 32.83
N SER A 124 -11.24 18.64 32.73
CA SER A 124 -12.01 19.13 33.86
C SER A 124 -13.46 18.68 33.69
N SER A 125 -14.12 18.39 34.81
CA SER A 125 -15.54 18.08 34.73
C SER A 125 -16.41 19.30 34.51
N THR A 126 -15.85 20.51 34.60
CA THR A 126 -16.62 21.74 34.75
C THR A 126 -16.69 22.56 33.47
N LEU A 127 -16.09 22.08 32.38
CA LEU A 127 -16.13 22.82 31.13
C LEU A 127 -17.56 23.10 30.68
N ASP A 128 -17.75 24.20 29.96
CA ASP A 128 -19.05 24.53 29.40
C ASP A 128 -19.64 23.38 28.58
N VAL A 129 -18.83 22.72 27.74
CA VAL A 129 -19.38 21.71 26.84
C VAL A 129 -19.78 20.43 27.54
N TYR A 130 -19.43 20.27 28.84
CA TYR A 130 -19.85 19.10 29.61
C TYR A 130 -21.02 19.43 30.55
N ASN A 131 -21.61 20.61 30.45
CA ASN A 131 -22.73 21.01 31.29
C ASN A 131 -23.88 20.02 31.11
N GLY A 132 -24.21 19.26 32.16
CA GLY A 132 -25.15 18.17 32.00
C GLY A 132 -26.63 18.54 31.95
N LYS A 133 -26.98 19.82 32.04
CA LYS A 133 -28.37 20.17 32.30
C LYS A 133 -29.27 19.94 31.09
N TYR A 134 -28.76 20.17 29.87
CA TYR A 134 -29.62 20.02 28.70
C TYR A 134 -29.98 18.56 28.47
N LEU A 135 -29.00 17.67 28.63
CA LEU A 135 -29.23 16.24 28.43
C LEU A 135 -30.12 15.65 29.52
N ALA A 136 -29.86 16.01 30.78
CA ALA A 136 -30.71 15.53 31.88
C ALA A 136 -32.15 15.97 31.68
N TYR A 137 -32.35 17.25 31.33
CA TYR A 137 -33.69 17.78 31.15
C TYR A 137 -34.37 17.18 29.93
N THR A 138 -33.68 17.17 28.78
CA THR A 138 -34.32 16.79 27.53
C THR A 138 -34.67 15.31 27.52
N GLU A 139 -33.76 14.46 28.01
CA GLU A 139 -33.96 13.02 27.95
C GLU A 139 -34.35 12.40 29.29
N GLU A 140 -34.59 13.22 30.31
CA GLU A 140 -35.09 12.74 31.61
CA GLU A 140 -35.08 12.75 31.61
C GLU A 140 -34.19 11.63 32.15
N VAL A 141 -32.88 11.92 32.23
CA VAL A 141 -31.91 11.03 32.84
C VAL A 141 -31.22 11.79 33.97
N VAL A 142 -30.62 11.03 34.88
CA VAL A 142 -29.72 11.57 35.89
C VAL A 142 -28.31 11.57 35.29
N LEU A 143 -27.74 12.76 35.14
CA LEU A 143 -26.44 12.96 34.49
C LEU A 143 -25.39 13.26 35.55
N VAL A 144 -24.38 12.40 35.63
CA VAL A 144 -23.25 12.54 36.55
C VAL A 144 -21.99 12.79 35.73
N SER A 145 -21.17 13.76 36.15
CA SER A 145 -19.81 13.88 35.63
C SER A 145 -18.82 13.67 36.77
N LEU A 146 -17.87 12.76 36.58
CA LEU A 146 -16.87 12.50 37.60
C LEU A 146 -15.61 13.31 37.30
N SER A 147 -14.60 13.15 38.15
CA SER A 147 -13.27 13.67 37.87
C SER A 147 -12.25 12.62 38.28
N TYR A 148 -11.01 12.83 37.84
CA TYR A 148 -9.94 11.89 38.13
C TYR A 148 -8.62 12.60 37.95
N ARG A 149 -7.63 12.20 38.75
CA ARG A 149 -6.30 12.82 38.65
C ARG A 149 -5.67 12.53 37.28
N VAL A 150 -5.04 13.55 36.70
CA VAL A 150 -4.39 13.43 35.41
C VAL A 150 -2.90 13.68 35.58
N GLY A 151 -2.14 13.38 34.52
CA GLY A 151 -0.72 13.60 34.54
C GLY A 151 -0.01 12.66 35.52
N ALA A 152 1.12 13.14 36.04
CA ALA A 152 1.87 12.37 37.02
C ALA A 152 1.03 12.07 38.26
N PHE A 153 0.19 13.02 38.68
CA PHE A 153 -0.62 12.83 39.87
C PHE A 153 -1.54 11.64 39.75
N GLY A 154 -1.96 11.30 38.54
CA GLY A 154 -2.85 10.19 38.33
C GLY A 154 -2.19 8.94 37.76
N PHE A 155 -1.01 9.06 37.16
CA PHE A 155 -0.52 7.93 36.38
C PHE A 155 0.98 7.67 36.47
N LEU A 156 1.72 8.41 37.30
CA LEU A 156 3.06 7.97 37.68
C LEU A 156 3.01 6.53 38.18
N ALA A 157 3.82 5.67 37.58
CA ALA A 157 3.73 4.22 37.80
C ALA A 157 5.10 3.66 38.14
N LEU A 158 5.27 3.23 39.39
CA LEU A 158 6.46 2.54 39.87
C LEU A 158 6.01 1.18 40.38
N HIS A 159 5.80 0.25 39.44
CA HIS A 159 5.17 -1.03 39.77
C HIS A 159 5.96 -1.77 40.83
N GLY A 160 5.24 -2.37 41.78
CA GLY A 160 5.81 -2.98 42.95
C GLY A 160 5.78 -2.07 44.17
N SER A 161 5.78 -0.76 43.97
CA SER A 161 5.53 0.17 45.05
C SER A 161 4.03 0.26 45.30
N GLN A 162 3.64 0.28 46.57
CA GLN A 162 2.26 0.60 46.90
C GLN A 162 2.06 2.09 47.10
N GLU A 163 3.14 2.87 47.10
CA GLU A 163 3.03 4.31 47.29
C GLU A 163 2.78 5.04 45.98
N ALA A 164 3.25 4.49 44.87
CA ALA A 164 2.95 5.02 43.54
C ALA A 164 2.81 3.86 42.57
N PRO A 165 1.69 3.13 42.65
CA PRO A 165 1.57 1.87 41.86
C PRO A 165 1.23 2.07 40.41
N GLY A 166 0.74 3.23 40.00
CA GLY A 166 0.17 3.39 38.68
C GLY A 166 -1.34 3.25 38.68
N ASN A 167 -1.95 3.75 37.62
CA ASN A 167 -3.39 3.63 37.37
C ASN A 167 -4.27 4.30 38.43
N VAL A 168 -3.74 5.18 39.27
CA VAL A 168 -4.61 5.69 40.35
C VAL A 168 -5.69 6.59 39.78
N GLY A 169 -5.42 7.28 38.66
CA GLY A 169 -6.47 8.04 37.99
C GLY A 169 -7.63 7.15 37.55
N LEU A 170 -7.33 5.93 37.10
CA LEU A 170 -8.39 4.99 36.77
C LEU A 170 -9.14 4.54 38.02
N LEU A 171 -8.44 4.41 39.15
CA LEU A 171 -9.11 4.04 40.39
C LEU A 171 -9.93 5.19 40.96
N ASP A 172 -9.53 6.45 40.71
CA ASP A 172 -10.44 7.57 41.02
C ASP A 172 -11.75 7.41 40.27
N GLN A 173 -11.68 7.11 38.97
CA GLN A 173 -12.89 6.91 38.21
C GLN A 173 -13.74 5.80 38.82
N ARG A 174 -13.11 4.67 39.15
CA ARG A 174 -13.84 3.54 39.71
C ARG A 174 -14.46 3.89 41.05
N MET A 175 -13.76 4.69 41.88
CA MET A 175 -14.36 5.05 43.14
C MET A 175 -15.56 5.96 42.97
N ALA A 176 -15.53 6.84 41.98
CA ALA A 176 -16.73 7.62 41.70
C ALA A 176 -17.87 6.74 41.19
N LEU A 177 -17.57 5.73 40.37
CA LEU A 177 -18.59 4.76 39.95
C LEU A 177 -19.14 3.98 41.14
N GLN A 178 -18.27 3.65 42.10
CA GLN A 178 -18.73 2.97 43.31
C GLN A 178 -19.66 3.87 44.11
N TRP A 179 -19.37 5.18 44.15
CA TRP A 179 -20.22 6.11 44.87
C TRP A 179 -21.58 6.24 44.20
N VAL A 180 -21.59 6.27 42.86
CA VAL A 180 -22.84 6.30 42.12
C VAL A 180 -23.64 5.02 42.41
N HIS A 181 -22.97 3.87 42.34
CA HIS A 181 -23.61 2.60 42.68
C HIS A 181 -24.28 2.64 44.04
N ASP A 182 -23.63 3.27 45.02
CA ASP A 182 -24.10 3.26 46.41
C ASP A 182 -25.11 4.35 46.72
N ASN A 183 -25.13 5.43 45.93
CA ASN A 183 -25.85 6.63 46.34
C ASN A 183 -26.81 7.19 45.32
N ILE A 184 -26.69 6.84 44.04
CA ILE A 184 -27.50 7.51 43.04
C ILE A 184 -28.99 7.25 43.26
N GLN A 185 -29.36 6.15 43.93
CA GLN A 185 -30.76 5.90 44.21
C GLN A 185 -31.39 7.04 45.02
N PHE A 186 -30.59 7.74 45.83
CA PHE A 186 -31.13 8.85 46.63
C PHE A 186 -31.38 10.09 45.78
N PHE A 187 -30.86 10.12 44.55
CA PHE A 187 -31.07 11.21 43.61
C PHE A 187 -32.08 10.87 42.52
N GLY A 188 -32.75 9.72 42.64
CA GLY A 188 -33.70 9.31 41.63
C GLY A 188 -33.13 8.48 40.50
N GLY A 189 -31.92 7.93 40.66
CA GLY A 189 -31.28 7.15 39.62
C GLY A 189 -31.28 5.67 39.94
N ASP A 190 -31.39 4.85 38.89
CA ASP A 190 -31.36 3.40 39.06
C ASP A 190 -29.92 2.91 38.98
N PRO A 191 -29.32 2.43 40.07
CA PRO A 191 -27.93 1.97 40.01
C PRO A 191 -27.73 0.70 39.17
N LYS A 192 -28.80 0.01 38.77
CA LYS A 192 -28.68 -1.11 37.84
C LYS A 192 -28.76 -0.70 36.39
N THR A 193 -28.95 0.59 36.09
CA THR A 193 -29.03 1.06 34.71
C THR A 193 -28.10 2.27 34.53
N VAL A 194 -26.81 2.06 34.80
CA VAL A 194 -25.79 3.10 34.66
C VAL A 194 -25.04 2.86 33.36
N THR A 195 -24.97 3.90 32.53
CA THR A 195 -24.16 3.93 31.31
C THR A 195 -22.98 4.86 31.53
N ILE A 196 -21.78 4.37 31.36
CA ILE A 196 -20.60 5.24 31.37
C ILE A 196 -20.31 5.64 29.93
N PHE A 197 -19.89 6.90 29.75
CA PHE A 197 -19.56 7.39 28.43
C PHE A 197 -18.48 8.46 28.56
N GLY A 198 -17.60 8.50 27.57
CA GLY A 198 -16.52 9.48 27.59
C GLY A 198 -15.92 9.60 26.20
N GLU A 199 -15.09 10.61 26.04
CA GLU A 199 -14.46 10.92 24.77
C GLU A 199 -12.95 10.95 24.96
N SER A 200 -12.24 10.54 23.89
CA SER A 200 -10.77 10.52 23.83
C SER A 200 -10.26 9.68 24.98
N ALA A 201 -9.37 10.18 25.84
CA ALA A 201 -8.92 9.43 27.01
C ALA A 201 -10.09 8.92 27.85
N GLY A 202 -11.20 9.68 27.90
CA GLY A 202 -12.38 9.20 28.59
C GLY A 202 -13.03 8.02 27.87
N GLY A 203 -12.97 8.02 26.53
CA GLY A 203 -13.44 6.84 25.80
C GLY A 203 -12.55 5.63 26.01
N ALA A 204 -11.23 5.83 25.94
CA ALA A 204 -10.31 4.77 26.32
C ALA A 204 -10.60 4.27 27.73
N SER A 205 -10.83 5.19 28.67
CA SER A 205 -11.12 4.81 30.05
C SER A 205 -12.34 3.90 30.12
N VAL A 206 -13.40 4.27 29.42
CA VAL A 206 -14.63 3.46 29.42
C VAL A 206 -14.30 2.04 28.97
N GLY A 207 -13.52 1.90 27.90
CA GLY A 207 -13.11 0.59 27.47
C GLY A 207 -12.28 -0.13 28.51
N MET A 208 -11.44 0.60 29.24
CA MET A 208 -10.62 -0.01 30.26
C MET A 208 -11.47 -0.55 31.41
N HIS A 209 -12.59 0.12 31.71
CA HIS A 209 -13.48 -0.38 32.75
C HIS A 209 -14.27 -1.60 32.27
N ILE A 210 -14.53 -1.69 30.97
CA ILE A 210 -15.09 -2.91 30.38
C ILE A 210 -14.15 -4.08 30.59
N LEU A 211 -12.85 -3.85 30.43
CA LEU A 211 -11.87 -4.92 30.56
C LEU A 211 -11.62 -5.29 32.03
N SER A 212 -11.53 -4.31 32.92
CA SER A 212 -10.99 -4.56 34.26
C SER A 212 -12.01 -5.27 35.13
N PRO A 213 -11.70 -6.46 35.64
CA PRO A 213 -12.67 -7.17 36.51
C PRO A 213 -13.19 -6.33 37.67
N GLY A 214 -12.33 -5.49 38.25
CA GLY A 214 -12.71 -4.67 39.39
C GLY A 214 -13.67 -3.54 39.08
N SER A 215 -13.94 -3.29 37.80
CA SER A 215 -14.87 -2.23 37.42
C SER A 215 -16.20 -2.73 36.88
N ARG A 216 -16.26 -3.97 36.42
CA ARG A 216 -17.33 -4.38 35.51
C ARG A 216 -18.71 -4.35 36.16
N ASP A 217 -18.78 -4.65 37.45
CA ASP A 217 -20.09 -4.67 38.11
C ASP A 217 -20.59 -3.29 38.49
N LEU A 218 -19.88 -2.22 38.16
CA LEU A 218 -20.28 -0.87 38.58
C LEU A 218 -21.00 -0.10 37.49
N PHE A 219 -21.38 -0.73 36.39
CA PHE A 219 -22.13 -0.05 35.34
C PHE A 219 -22.79 -1.11 34.48
N ARG A 220 -23.82 -0.70 33.74
CA ARG A 220 -24.63 -1.59 32.91
C ARG A 220 -24.12 -1.69 31.47
N ARG A 221 -23.87 -0.54 30.82
CA ARG A 221 -23.51 -0.46 29.40
C ARG A 221 -22.56 0.71 29.21
N ALA A 222 -22.06 0.87 27.98
CA ALA A 222 -20.96 1.82 27.75
C ALA A 222 -21.07 2.48 26.39
N ILE A 223 -20.60 3.73 26.33
CA ILE A 223 -20.47 4.51 25.09
C ILE A 223 -19.03 5.01 24.99
N LEU A 224 -18.39 4.85 23.83
CA LEU A 224 -17.01 5.26 23.61
C LEU A 224 -16.94 6.23 22.42
N GLN A 225 -16.47 7.45 22.66
CA GLN A 225 -16.38 8.46 21.61
C GLN A 225 -14.91 8.77 21.32
N SER A 226 -14.47 8.50 20.08
CA SER A 226 -13.13 8.84 19.61
C SER A 226 -12.05 8.35 20.57
N GLY A 227 -12.20 7.13 21.06
CA GLY A 227 -11.15 6.54 21.85
C GLY A 227 -11.49 5.10 22.19
N SER A 228 -10.48 4.28 22.41
CA SER A 228 -10.69 2.88 22.77
C SER A 228 -9.49 2.44 23.62
N PRO A 229 -9.64 1.36 24.39
CA PRO A 229 -8.61 1.04 25.39
C PRO A 229 -7.29 0.62 24.78
N ASN A 230 -7.31 0.08 23.57
CA ASN A 230 -6.11 -0.39 22.87
C ASN A 230 -5.41 0.69 22.06
N CYS A 231 -5.84 1.95 22.15
CA CYS A 231 -5.18 3.01 21.39
C CYS A 231 -3.68 3.07 21.70
N PRO A 232 -2.84 3.41 20.73
CA PRO A 232 -1.38 3.35 20.96
C PRO A 232 -0.87 4.33 22.00
N TRP A 233 -1.60 5.43 22.23
CA TRP A 233 -1.24 6.44 23.20
C TRP A 233 -1.80 6.18 24.60
N ALA A 234 -2.65 5.16 24.74
CA ALA A 234 -3.51 5.04 25.92
C ALA A 234 -2.92 4.21 27.05
N SER A 235 -1.82 3.49 26.83
CA SER A 235 -1.20 2.73 27.91
C SER A 235 0.27 2.53 27.59
N VAL A 236 1.03 2.19 28.63
CA VAL A 236 2.43 1.81 28.53
C VAL A 236 2.66 0.54 29.35
N SER A 237 3.80 -0.11 29.13
CA SER A 237 4.23 -1.24 29.94
C SER A 237 4.74 -0.77 31.29
N VAL A 238 4.81 -1.70 32.25
CA VAL A 238 5.34 -1.33 33.57
C VAL A 238 6.79 -0.88 33.44
N ALA A 239 7.54 -1.45 32.49
CA ALA A 239 8.92 -1.04 32.31
C ALA A 239 9.02 0.39 31.81
N GLU A 240 8.19 0.76 30.83
CA GLU A 240 8.22 2.11 30.29
C GLU A 240 7.67 3.10 31.29
N GLY A 241 6.63 2.71 32.04
CA GLY A 241 6.13 3.59 33.08
C GLY A 241 7.20 3.87 34.14
N ARG A 242 7.95 2.84 34.52
CA ARG A 242 9.02 3.03 35.49
C ARG A 242 10.10 3.95 34.93
N ARG A 243 10.45 3.76 33.65
CA ARG A 243 11.46 4.59 33.02
C ARG A 243 11.05 6.06 33.05
N ARG A 244 9.78 6.34 32.74
CA ARG A 244 9.34 7.73 32.71
C ARG A 244 9.32 8.34 34.10
N ALA A 245 8.93 7.54 35.11
CA ALA A 245 8.92 8.04 36.48
C ALA A 245 10.32 8.38 36.97
N VAL A 246 11.29 7.52 36.66
CA VAL A 246 12.68 7.78 37.03
C VAL A 246 13.19 9.02 36.31
N GLU A 247 12.83 9.19 35.04
CA GLU A 247 13.25 10.36 34.27
C GLU A 247 12.61 11.64 34.78
N LEU A 248 11.38 11.56 35.30
CA LEU A 248 10.79 12.73 35.94
C LEU A 248 11.61 13.15 37.15
N GLY A 249 11.99 12.19 38.00
CA GLY A 249 12.86 12.50 39.11
C GLY A 249 14.20 13.07 38.66
N ARG A 250 14.79 12.48 37.62
CA ARG A 250 16.05 13.01 37.11
C ARG A 250 15.91 14.47 36.70
N ASN A 251 14.82 14.80 35.99
CA ASN A 251 14.59 16.20 35.61
C ASN A 251 14.48 17.12 36.82
N LEU A 252 14.13 16.59 37.99
CA LEU A 252 13.92 17.42 39.17
C LEU A 252 15.00 17.22 40.22
N ASN A 253 16.13 16.63 39.85
CA ASN A 253 17.28 16.44 40.74
C ASN A 253 16.91 15.59 41.95
N CYS A 254 16.13 14.55 41.71
CA CYS A 254 15.66 13.68 42.79
C CYS A 254 16.66 12.55 43.04
N ASN A 255 16.72 12.12 44.29
CA ASN A 255 17.39 10.87 44.62
C ASN A 255 16.70 9.71 43.90
N LEU A 256 17.48 8.93 43.15
CA LEU A 256 16.93 7.86 42.32
C LEU A 256 17.31 6.47 42.81
N ASN A 257 17.85 6.33 44.02
CA ASN A 257 18.34 5.03 44.45
C ASN A 257 17.23 4.02 44.72
N SER A 258 16.07 4.49 45.18
CA SER A 258 14.98 3.59 45.54
C SER A 258 13.65 4.25 45.23
N ASP A 259 12.63 3.42 45.01
CA ASP A 259 11.27 3.94 44.85
C ASP A 259 10.92 4.88 46.00
N GLU A 260 11.14 4.43 47.23
CA GLU A 260 10.79 5.22 48.41
C GLU A 260 11.45 6.60 48.37
N GLU A 261 12.73 6.67 47.98
CA GLU A 261 13.44 7.94 47.98
C GLU A 261 12.97 8.84 46.83
N LEU A 262 12.72 8.24 45.66
CA LEU A 262 12.21 8.99 44.52
C LEU A 262 10.83 9.57 44.84
N ILE A 263 9.92 8.73 45.32
CA ILE A 263 8.57 9.18 45.66
C ILE A 263 8.60 10.27 46.73
N HIS A 264 9.43 10.09 47.77
CA HIS A 264 9.53 11.11 48.81
C HIS A 264 9.98 12.44 48.22
N CYS A 265 10.92 12.40 47.27
CA CYS A 265 11.35 13.61 46.57
C CYS A 265 10.20 14.24 45.78
N LEU A 266 9.51 13.43 44.97
CA LEU A 266 8.45 13.96 44.11
C LEU A 266 7.28 14.51 44.92
N ARG A 267 7.01 13.97 46.12
CA ARG A 267 5.95 14.50 46.98
C ARG A 267 6.30 15.83 47.63
N GLU A 268 7.59 16.22 47.62
CA GLU A 268 8.00 17.52 48.16
C GLU A 268 7.80 18.65 47.16
N LYS A 269 7.78 18.34 45.87
CA LYS A 269 7.71 19.37 44.85
C LYS A 269 6.30 19.97 44.78
N LYS A 270 6.25 21.26 44.43
CA LYS A 270 4.98 21.91 44.13
CA LYS A 270 4.95 21.86 44.16
C LYS A 270 4.38 21.31 42.86
N PRO A 271 3.05 21.28 42.73
CA PRO A 271 2.44 20.66 41.53
C PRO A 271 2.95 21.20 40.21
N GLN A 272 3.08 22.52 40.06
CA GLN A 272 3.53 23.05 38.78
C GLN A 272 4.99 22.68 38.49
N GLU A 273 5.78 22.37 39.52
CA GLU A 273 7.14 21.91 39.27
C GLU A 273 7.14 20.61 38.48
N LEU A 274 6.20 19.71 38.79
CA LEU A 274 6.08 18.45 38.04
C LEU A 274 5.55 18.70 36.65
N ILE A 275 4.52 19.54 36.54
CA ILE A 275 3.91 19.80 35.25
C ILE A 275 4.90 20.45 34.30
N ASP A 276 5.78 21.32 34.81
CA ASP A 276 6.74 22.02 33.95
C ASP A 276 7.70 21.08 33.22
N VAL A 277 7.92 19.86 33.73
CA VAL A 277 8.86 18.92 33.11
C VAL A 277 8.17 17.66 32.59
N GLU A 278 6.85 17.57 32.72
CA GLU A 278 6.09 16.37 32.36
C GLU A 278 6.44 15.86 30.96
N TRP A 279 6.44 16.75 29.98
CA TRP A 279 6.66 16.34 28.59
C TRP A 279 8.09 15.89 28.33
N ASN A 280 9.03 16.21 29.23
CA ASN A 280 10.43 15.89 28.97
C ASN A 280 10.74 14.42 29.07
N VAL A 281 9.80 13.58 29.51
CA VAL A 281 10.08 12.17 29.73
C VAL A 281 9.68 11.29 28.55
N LEU A 282 9.07 11.85 27.51
CA LEU A 282 8.70 11.03 26.35
C LEU A 282 9.95 10.51 25.67
N PRO A 283 9.92 9.28 25.12
CA PRO A 283 11.13 8.72 24.51
C PRO A 283 11.41 9.21 23.11
N PHE A 284 10.44 9.78 22.40
CA PHE A 284 10.63 10.25 21.04
C PHE A 284 9.98 11.60 20.86
N ASP A 285 10.54 12.38 19.93
CA ASP A 285 9.76 13.44 19.32
C ASP A 285 8.53 12.83 18.69
N SER A 286 7.34 13.38 18.99
CA SER A 286 6.13 12.72 18.54
C SER A 286 4.96 13.68 18.64
N ILE A 287 3.84 13.27 18.04
CA ILE A 287 2.54 13.87 18.32
C ILE A 287 1.59 12.74 18.75
N PHE A 288 0.53 13.13 19.45
CA PHE A 288 -0.48 12.17 19.96
C PHE A 288 0.18 11.12 20.86
N ARG A 289 1.16 11.54 21.66
CA ARG A 289 1.76 10.68 22.67
C ARG A 289 1.84 11.44 23.98
N PHE A 290 1.56 10.77 25.10
CA PHE A 290 1.41 11.45 26.38
C PHE A 290 2.22 10.73 27.45
N SER A 291 2.77 11.51 28.38
CA SER A 291 3.79 11.00 29.30
C SER A 291 3.23 10.00 30.30
N PHE A 292 2.23 10.39 31.08
CA PHE A 292 1.74 9.55 32.17
C PHE A 292 0.34 9.06 31.84
N VAL A 293 0.23 7.76 31.57
CA VAL A 293 -0.97 7.11 31.05
C VAL A 293 -1.14 5.78 31.80
N PRO A 294 -2.29 5.10 31.68
CA PRO A 294 -2.44 3.78 32.31
C PRO A 294 -1.29 2.83 32.01
N VAL A 295 -0.99 1.95 32.97
CA VAL A 295 0.04 0.91 32.84
C VAL A 295 -0.63 -0.45 32.83
N ILE A 296 -0.11 -1.35 31.99
CA ILE A 296 -0.54 -2.75 31.96
C ILE A 296 0.16 -3.47 33.10
N ASP A 297 -0.52 -3.54 34.25
CA ASP A 297 0.12 -3.81 35.54
C ASP A 297 -0.06 -5.23 36.06
N GLY A 298 -0.98 -6.02 35.48
CA GLY A 298 -1.32 -7.31 36.03
C GLY A 298 -2.37 -7.28 37.11
N GLU A 299 -2.93 -6.13 37.43
CA GLU A 299 -3.88 -6.00 38.54
C GLU A 299 -5.18 -5.36 38.07
N PHE A 300 -5.12 -4.07 37.72
CA PHE A 300 -6.24 -3.44 37.02
C PHE A 300 -6.46 -4.11 35.66
N PHE A 301 -5.39 -4.48 34.98
CA PHE A 301 -5.45 -5.26 33.74
C PHE A 301 -4.80 -6.61 33.99
N PRO A 302 -5.55 -7.71 34.08
CA PRO A 302 -4.93 -8.98 34.45
C PRO A 302 -3.87 -9.46 33.47
N THR A 303 -4.07 -9.27 32.18
CA THR A 303 -3.10 -9.64 31.16
C THR A 303 -3.05 -8.51 30.14
N SER A 304 -2.31 -8.73 29.05
CA SER A 304 -2.28 -7.74 27.98
C SER A 304 -3.68 -7.46 27.47
N LEU A 305 -3.89 -6.24 26.97
CA LEU A 305 -5.19 -5.90 26.42
C LEU A 305 -5.58 -6.82 25.28
N GLU A 306 -4.64 -7.14 24.40
CA GLU A 306 -4.95 -7.96 23.24
C GLU A 306 -5.39 -9.37 23.65
N SER A 307 -4.72 -9.97 24.63
CA SER A 307 -5.11 -11.30 25.07
C SER A 307 -6.47 -11.29 25.75
N MET A 308 -6.77 -10.24 26.51
CA MET A 308 -8.10 -10.13 27.10
C MET A 308 -9.17 -10.03 26.01
N LEU A 309 -8.91 -9.21 24.99
CA LEU A 309 -9.87 -9.06 23.90
C LEU A 309 -10.05 -10.38 23.14
N ASN A 310 -8.97 -11.11 22.92
CA ASN A 310 -9.07 -12.37 22.17
C ASN A 310 -9.81 -13.44 22.97
N SER A 311 -9.51 -13.56 24.26
CA SER A 311 -10.13 -14.60 25.08
C SER A 311 -11.56 -14.27 25.49
N GLY A 312 -12.02 -13.04 25.26
CA GLY A 312 -13.32 -12.64 25.77
C GLY A 312 -13.33 -12.29 27.24
N ASN A 313 -12.17 -11.99 27.83
CA ASN A 313 -12.09 -11.67 29.24
C ASN A 313 -12.45 -10.19 29.42
N PHE A 314 -13.75 -9.91 29.35
CA PHE A 314 -14.26 -8.55 29.54
C PHE A 314 -15.75 -8.62 29.80
N LYS A 315 -16.33 -7.46 30.13
CA LYS A 315 -17.75 -7.37 30.41
C LYS A 315 -18.56 -7.51 29.13
N LYS A 316 -19.52 -8.43 29.13
CA LYS A 316 -20.35 -8.69 27.95
C LYS A 316 -21.64 -7.90 28.09
N THR A 317 -21.81 -6.87 27.26
CA THR A 317 -22.98 -6.01 27.36
C THR A 317 -23.17 -5.36 26.00
N GLN A 318 -23.94 -4.27 25.95
CA GLN A 318 -24.11 -3.47 24.74
C GLN A 318 -23.15 -2.29 24.76
N ILE A 319 -22.59 -1.97 23.59
CA ILE A 319 -21.76 -0.77 23.45
C ILE A 319 -22.22 0.04 22.24
N LEU A 320 -22.04 1.35 22.36
CA LEU A 320 -22.26 2.28 21.26
C LEU A 320 -21.01 3.14 21.17
N LEU A 321 -20.45 3.28 19.98
CA LEU A 321 -19.14 3.91 19.87
C LEU A 321 -18.93 4.44 18.45
N GLY A 322 -17.95 5.32 18.30
CA GLY A 322 -17.68 5.86 16.98
C GLY A 322 -16.56 6.89 17.00
N VAL A 323 -16.38 7.55 15.86
CA VAL A 323 -15.26 8.43 15.61
C VAL A 323 -15.74 9.64 14.80
N ASN A 324 -14.86 10.64 14.67
CA ASN A 324 -15.08 11.82 13.86
C ASN A 324 -14.23 11.76 12.60
N LYS A 325 -14.61 12.58 11.62
CA LYS A 325 -14.01 12.50 10.29
C LYS A 325 -12.52 12.91 10.30
N ASP A 326 -12.16 13.91 11.10
CA ASP A 326 -10.80 14.46 11.05
C ASP A 326 -10.18 14.50 12.44
N GLU A 327 -10.05 13.32 13.05
CA GLU A 327 -9.46 13.25 14.39
C GLU A 327 -8.05 13.82 14.44
N GLY A 328 -7.32 13.80 13.31
CA GLY A 328 -5.91 14.15 13.37
C GLY A 328 -5.58 15.64 13.39
N SER A 329 -6.51 16.50 12.93
CA SER A 329 -6.09 17.86 12.55
C SER A 329 -5.60 18.68 13.75
N PHE A 330 -6.24 18.50 14.91
CA PHE A 330 -5.85 19.21 16.11
C PHE A 330 -4.41 18.91 16.51
N PHE A 331 -3.99 17.64 16.39
CA PHE A 331 -2.65 17.25 16.82
C PHE A 331 -1.58 17.76 15.86
N LEU A 332 -1.89 17.81 14.56
CA LEU A 332 -0.95 18.38 13.61
C LEU A 332 -0.78 19.89 13.84
N LEU A 333 -1.89 20.58 14.09
CA LEU A 333 -1.83 22.02 14.32
C LEU A 333 -0.88 22.34 15.45
N TYR A 334 -0.95 21.59 16.54
CA TYR A 334 -0.13 21.87 17.72
C TYR A 334 1.27 21.31 17.63
N GLY A 335 1.51 20.30 16.81
CA GLY A 335 2.77 19.60 16.94
C GLY A 335 3.58 19.32 15.69
N ALA A 336 3.08 19.71 14.51
CA ALA A 336 3.76 19.32 13.27
C ALA A 336 4.10 20.52 12.40
N PRO A 337 5.22 20.46 11.68
CA PRO A 337 5.66 21.63 10.90
C PRO A 337 4.76 21.87 9.69
N GLY A 338 4.52 23.16 9.43
CA GLY A 338 3.75 23.59 8.28
C GLY A 338 2.29 23.89 8.55
N PHE A 339 1.80 23.59 9.75
CA PHE A 339 0.39 23.80 10.08
C PHE A 339 0.21 25.07 10.87
N SER A 340 -0.87 25.79 10.58
CA SER A 340 -1.18 27.04 11.23
CA SER A 340 -1.17 27.05 11.21
C SER A 340 -2.68 27.20 11.32
N LYS A 341 -3.12 27.86 12.41
CA LYS A 341 -4.54 28.13 12.60
C LYS A 341 -5.06 29.17 11.61
N ASP A 342 -4.16 30.01 11.10
CA ASP A 342 -4.54 31.18 10.30
C ASP A 342 -4.24 31.01 8.81
N SER A 343 -4.04 29.78 8.33
CA SER A 343 -3.85 29.55 6.91
C SER A 343 -4.39 28.18 6.54
N GLU A 344 -4.47 27.94 5.23
CA GLU A 344 -4.90 26.66 4.69
C GLU A 344 -3.91 25.55 4.96
N SER A 345 -2.70 25.87 5.41
CA SER A 345 -1.72 24.87 5.84
C SER A 345 -1.44 23.85 4.74
N LYS A 346 -1.09 24.34 3.54
CA LYS A 346 -0.61 23.43 2.52
C LYS A 346 0.77 22.92 2.93
N ILE A 347 0.96 21.62 2.79
CA ILE A 347 2.08 20.90 3.39
C ILE A 347 3.05 20.51 2.28
N SER A 348 4.28 20.98 2.38
CA SER A 348 5.32 20.62 1.44
C SER A 348 5.67 19.14 1.59
N ARG A 349 6.38 18.62 0.59
CA ARG A 349 6.88 17.25 0.64
C ARG A 349 7.79 17.04 1.84
N GLU A 350 8.69 17.99 2.10
CA GLU A 350 9.59 17.88 3.25
C GLU A 350 8.81 17.84 4.57
N ASP A 351 7.84 18.72 4.74
CA ASP A 351 7.07 18.74 5.98
C ASP A 351 6.19 17.51 6.10
N PHE A 352 5.75 16.96 4.98
CA PHE A 352 5.02 15.70 5.02
C PHE A 352 5.89 14.60 5.62
N MET A 353 7.13 14.47 5.13
CA MET A 353 8.03 13.46 5.67
C MET A 353 8.24 13.64 7.16
N SER A 354 8.52 14.88 7.61
CA SER A 354 8.67 15.11 9.04
CA SER A 354 8.67 15.13 9.04
C SER A 354 7.39 14.75 9.79
N GLY A 355 6.23 15.06 9.22
CA GLY A 355 4.96 14.72 9.86
C GLY A 355 4.76 13.24 10.08
N VAL A 356 5.03 12.39 9.08
CA VAL A 356 4.74 10.98 9.32
C VAL A 356 5.71 10.42 10.36
N LYS A 357 6.91 10.98 10.42
CA LYS A 357 7.86 10.56 11.45
C LYS A 357 7.36 10.92 12.85
N LEU A 358 6.84 12.14 13.02
CA LEU A 358 6.25 12.51 14.32
C LEU A 358 5.00 11.70 14.63
N SER A 359 4.25 11.30 13.59
CA SER A 359 2.99 10.59 13.76
C SER A 359 3.20 9.13 14.11
N VAL A 360 4.27 8.52 13.63
CA VAL A 360 4.52 7.11 13.87
C VAL A 360 5.91 6.98 14.49
N PRO A 361 6.10 7.46 15.72
CA PRO A 361 7.47 7.57 16.25
C PRO A 361 8.15 6.25 16.48
N HIS A 362 7.38 5.18 16.68
CA HIS A 362 7.92 3.85 16.93
C HIS A 362 8.34 3.10 15.67
N ALA A 363 8.15 3.66 14.48
CA ALA A 363 8.41 2.94 13.24
C ALA A 363 9.87 3.08 12.81
N ASN A 364 10.41 2.00 12.23
CA ASN A 364 11.71 2.08 11.56
C ASN A 364 11.55 2.74 10.19
N ASP A 365 12.67 2.85 9.47
CA ASP A 365 12.66 3.48 8.14
C ASP A 365 11.73 2.75 7.18
N LEU A 366 11.76 1.42 7.19
CA LEU A 366 10.87 0.67 6.31
C LEU A 366 9.41 0.91 6.68
N GLY A 367 9.12 1.02 7.98
CA GLY A 367 7.76 1.33 8.40
C GLY A 367 7.31 2.70 7.94
N LEU A 368 8.20 3.70 8.02
CA LEU A 368 7.84 5.03 7.53
C LEU A 368 7.60 5.02 6.03
N ASP A 369 8.44 4.31 5.27
CA ASP A 369 8.20 4.14 3.83
C ASP A 369 6.83 3.54 3.57
N ALA A 370 6.45 2.52 4.34
CA ALA A 370 5.16 1.88 4.13
C ALA A 370 4.02 2.87 4.35
N VAL A 371 4.07 3.62 5.46
CA VAL A 371 3.03 4.62 5.70
C VAL A 371 3.01 5.64 4.57
N THR A 372 4.19 6.10 4.15
CA THR A 372 4.25 7.11 3.10
C THR A 372 3.64 6.59 1.81
N LEU A 373 3.97 5.36 1.41
CA LEU A 373 3.41 4.78 0.19
C LEU A 373 1.90 4.64 0.29
N GLN A 374 1.39 4.25 1.48
CA GLN A 374 -0.04 4.04 1.62
C GLN A 374 -0.84 5.33 1.48
N TYR A 375 -0.23 6.49 1.77
CA TYR A 375 -0.98 7.75 1.79
C TYR A 375 -0.50 8.79 0.78
N THR A 376 0.34 8.41 -0.19
CA THR A 376 0.89 9.38 -1.14
C THR A 376 0.36 9.09 -2.53
N ASP A 377 -0.16 10.11 -3.19
CA ASP A 377 -0.55 10.01 -4.59
C ASP A 377 0.68 10.35 -5.43
N TRP A 378 1.36 9.33 -5.95
CA TRP A 378 2.59 9.61 -6.71
C TRP A 378 2.31 10.11 -8.13
N MET A 379 1.05 10.28 -8.52
CA MET A 379 0.76 11.07 -9.72
C MET A 379 0.71 12.56 -9.43
N ASP A 380 0.76 12.96 -8.16
CA ASP A 380 0.50 14.34 -7.77
C ASP A 380 1.10 14.64 -6.41
N ASP A 381 2.39 14.33 -6.23
CA ASP A 381 3.01 14.31 -4.91
C ASP A 381 3.35 15.69 -4.37
N ASN A 382 3.28 16.74 -5.18
CA ASN A 382 3.54 18.10 -4.69
C ASN A 382 2.26 18.89 -4.51
N ASN A 383 1.14 18.20 -4.33
CA ASN A 383 -0.14 18.83 -4.06
C ASN A 383 -0.20 19.09 -2.55
N GLY A 384 -0.11 20.35 -2.15
CA GLY A 384 -0.05 20.67 -0.74
C GLY A 384 -1.33 20.34 0.02
N ILE A 385 -2.47 20.36 -0.68
CA ILE A 385 -3.74 19.99 -0.06
C ILE A 385 -3.77 18.50 0.20
N LYS A 386 -3.36 17.70 -0.79
CA LYS A 386 -3.34 16.25 -0.61
C LYS A 386 -2.34 15.84 0.45
N ASN A 387 -1.20 16.53 0.52
CA ASN A 387 -0.22 16.21 1.55
C ASN A 387 -0.77 16.51 2.93
N ARG A 388 -1.45 17.64 3.07
CA ARG A 388 -2.04 18.03 4.35
C ARG A 388 -3.11 17.03 4.77
N ASP A 389 -4.05 16.74 3.87
CA ASP A 389 -5.12 15.81 4.18
C ASP A 389 -4.60 14.39 4.40
N GLY A 390 -3.52 14.02 3.70
CA GLY A 390 -2.91 12.71 3.95
C GLY A 390 -2.37 12.59 5.36
N LEU A 391 -1.64 13.62 5.81
CA LEU A 391 -1.14 13.65 7.18
C LEU A 391 -2.29 13.62 8.18
N ASP A 392 -3.36 14.36 7.90
CA ASP A 392 -4.54 14.35 8.77
C ASP A 392 -5.10 12.94 8.89
N ASP A 393 -5.24 12.24 7.77
CA ASP A 393 -5.76 10.88 7.79
C ASP A 393 -4.81 9.94 8.54
N ILE A 394 -3.51 10.07 8.33
CA ILE A 394 -2.54 9.22 9.01
C ILE A 394 -2.72 9.31 10.52
N VAL A 395 -2.72 10.54 11.05
CA VAL A 395 -2.81 10.72 12.49
C VAL A 395 -4.11 10.14 13.03
N GLY A 396 -5.24 10.46 12.38
CA GLY A 396 -6.52 9.98 12.87
C GLY A 396 -6.71 8.48 12.72
N ASP A 397 -6.28 7.92 11.58
CA ASP A 397 -6.44 6.49 11.35
C ASP A 397 -5.60 5.69 12.34
N HIS A 398 -4.33 6.08 12.51
CA HIS A 398 -3.42 5.34 13.38
C HIS A 398 -3.82 5.45 14.84
N ASN A 399 -4.23 6.64 15.27
CA ASN A 399 -4.42 6.88 16.70
C ASN A 399 -5.83 6.64 17.19
N VAL A 400 -6.84 6.80 16.34
CA VAL A 400 -8.22 6.72 16.82
C VAL A 400 -9.05 5.71 16.02
N ILE A 401 -9.17 5.92 14.71
CA ILE A 401 -10.16 5.17 13.95
C ILE A 401 -9.81 3.69 13.92
N CYS A 402 -8.60 3.34 13.50
CA CYS A 402 -8.29 1.92 13.36
C CYS A 402 -8.14 1.19 14.70
N PRO A 403 -7.60 1.79 15.76
CA PRO A 403 -7.66 1.10 17.07
C PRO A 403 -9.08 0.80 17.48
N LEU A 404 -9.99 1.76 17.26
CA LEU A 404 -11.39 1.53 17.62
C LEU A 404 -12.00 0.42 16.78
N MET A 405 -11.67 0.36 15.48
CA MET A 405 -12.22 -0.72 14.65
C MET A 405 -11.67 -2.08 15.08
N HIS A 406 -10.41 -2.12 15.51
CA HIS A 406 -9.90 -3.37 16.06
C HIS A 406 -10.67 -3.76 17.31
N PHE A 407 -10.96 -2.79 18.16
CA PHE A 407 -11.72 -3.06 19.38
C PHE A 407 -13.13 -3.49 19.05
N VAL A 408 -13.77 -2.81 18.11
CA VAL A 408 -15.16 -3.10 17.81
C VAL A 408 -15.29 -4.49 17.19
N ASN A 409 -14.31 -4.90 16.38
CA ASN A 409 -14.37 -6.23 15.80
C ASN A 409 -14.14 -7.30 16.87
N LYS A 410 -13.17 -7.10 17.75
CA LYS A 410 -12.92 -8.07 18.81
C LYS A 410 -14.08 -8.12 19.80
N TYR A 411 -14.64 -6.96 20.17
CA TYR A 411 -15.71 -6.94 21.18
C TYR A 411 -16.98 -7.62 20.66
N THR A 412 -17.33 -7.36 19.40
CA THR A 412 -18.58 -7.86 18.83
C THR A 412 -18.63 -9.38 18.80
N LYS A 413 -17.47 -10.05 18.80
CA LYS A 413 -17.45 -11.50 18.82
C LYS A 413 -18.10 -12.08 20.08
N PHE A 414 -17.98 -11.38 21.21
CA PHE A 414 -18.48 -11.86 22.49
C PHE A 414 -19.59 -11.00 23.08
N GLY A 415 -19.71 -9.74 22.69
CA GLY A 415 -20.64 -8.82 23.32
C GLY A 415 -22.09 -9.14 23.00
N ASN A 416 -22.98 -8.25 23.46
CA ASN A 416 -24.42 -8.45 23.33
C ASN A 416 -25.08 -7.35 22.50
N GLY A 417 -24.32 -6.65 21.66
CA GLY A 417 -24.91 -5.60 20.85
C GLY A 417 -23.97 -4.43 20.61
N THR A 418 -23.63 -4.15 19.36
CA THR A 418 -22.70 -3.09 19.00
C THR A 418 -23.35 -2.12 18.03
N TYR A 419 -23.25 -0.84 18.32
CA TYR A 419 -23.74 0.22 17.44
C TYR A 419 -22.59 1.19 17.16
N LEU A 420 -22.33 1.42 15.88
CA LEU A 420 -21.14 2.13 15.41
C LEU A 420 -21.56 3.36 14.63
N TYR A 421 -20.90 4.51 14.89
CA TYR A 421 -21.23 5.75 14.19
C TYR A 421 -19.97 6.40 13.63
N PHE A 422 -20.19 7.26 12.63
CA PHE A 422 -19.13 8.05 12.01
C PHE A 422 -19.63 9.49 11.96
N PHE A 423 -19.10 10.35 12.82
CA PHE A 423 -19.60 11.73 12.96
C PHE A 423 -18.81 12.63 12.01
N ASN A 424 -19.51 13.24 11.05
CA ASN A 424 -18.81 14.00 10.00
C ASN A 424 -19.52 15.31 9.69
N HIS A 425 -20.04 15.98 10.72
CA HIS A 425 -20.66 17.28 10.55
C HIS A 425 -19.72 18.36 11.09
N ARG A 426 -19.45 19.36 10.25
CA ARG A 426 -18.69 20.53 10.66
C ARG A 426 -19.67 21.59 11.16
N ALA A 427 -19.52 22.02 12.41
CA ALA A 427 -20.43 23.00 12.97
C ALA A 427 -20.36 24.31 12.20
N SER A 428 -21.53 24.91 11.98
CA SER A 428 -21.62 26.14 11.20
C SER A 428 -20.94 27.32 11.88
N ASN A 429 -20.81 27.30 13.20
CA ASN A 429 -20.19 28.38 13.97
C ASN A 429 -18.78 28.03 14.41
N LEU A 430 -18.16 27.03 13.77
CA LEU A 430 -16.83 26.59 14.19
C LEU A 430 -15.84 27.74 14.13
N VAL A 431 -14.97 27.78 15.12
CA VAL A 431 -14.04 28.87 15.31
C VAL A 431 -12.66 28.55 14.71
N TRP A 432 -12.38 27.28 14.41
CA TRP A 432 -11.16 26.77 13.80
C TRP A 432 -11.27 26.81 12.27
N PRO A 433 -10.13 26.83 11.56
CA PRO A 433 -10.17 26.96 10.10
C PRO A 433 -10.73 25.72 9.42
N GLU A 434 -11.09 25.90 8.15
CA GLU A 434 -11.74 24.85 7.37
C GLU A 434 -10.87 23.60 7.25
N TRP A 435 -9.56 23.77 7.12
CA TRP A 435 -8.71 22.61 6.84
C TRP A 435 -8.76 21.57 7.94
N MET A 436 -9.10 21.97 9.16
CA MET A 436 -9.15 21.03 10.26
C MET A 436 -10.39 20.15 10.23
N GLY A 437 -11.40 20.51 9.43
CA GLY A 437 -12.53 19.60 9.22
C GLY A 437 -13.32 19.37 10.48
N VAL A 438 -13.65 18.10 10.73
CA VAL A 438 -14.50 17.67 11.84
C VAL A 438 -13.55 17.21 12.94
N ILE A 439 -13.31 18.09 13.90
CA ILE A 439 -12.16 18.02 14.80
C ILE A 439 -12.42 17.05 15.96
N HIS A 440 -11.33 16.44 16.45
CA HIS A 440 -11.26 15.69 17.69
C HIS A 440 -11.89 16.47 18.86
N GLY A 441 -13.02 15.98 19.39
CA GLY A 441 -13.71 16.62 20.49
C GLY A 441 -14.97 17.38 20.11
N TYR A 442 -15.20 17.63 18.83
CA TYR A 442 -16.24 18.57 18.46
C TYR A 442 -17.59 17.90 18.20
N GLU A 443 -17.69 16.59 18.45
CA GLU A 443 -19.01 15.99 18.60
C GLU A 443 -19.58 16.19 20.01
N ILE A 444 -18.74 16.50 20.99
CA ILE A 444 -19.20 16.55 22.38
C ILE A 444 -20.31 17.58 22.54
N GLU A 445 -20.15 18.77 21.94
CA GLU A 445 -21.18 19.81 22.11
C GLU A 445 -22.54 19.37 21.59
N PHE A 446 -22.58 18.43 20.61
CA PHE A 446 -23.85 17.91 20.14
C PHE A 446 -24.42 16.87 21.11
N VAL A 447 -23.56 16.00 21.65
CA VAL A 447 -24.00 15.02 22.64
C VAL A 447 -24.59 15.70 23.86
N PHE A 448 -24.07 16.88 24.23
CA PHE A 448 -24.50 17.57 25.43
C PHE A 448 -25.54 18.65 25.15
N GLY A 449 -26.01 18.76 23.91
CA GLY A 449 -27.19 19.56 23.64
C GLY A 449 -26.95 21.05 23.56
N LEU A 450 -25.70 21.49 23.45
CA LEU A 450 -25.43 22.91 23.29
C LEU A 450 -26.10 23.54 22.05
N PRO A 451 -26.33 22.83 20.93
CA PRO A 451 -27.09 23.46 19.85
C PRO A 451 -28.51 23.89 20.23
N LEU A 452 -29.07 23.36 21.32
CA LEU A 452 -30.39 23.78 21.75
C LEU A 452 -30.39 25.19 22.33
N VAL A 453 -29.23 25.79 22.54
CA VAL A 453 -29.12 27.09 23.21
C VAL A 453 -29.07 28.17 22.13
N LYS A 454 -30.12 29.00 22.06
CA LYS A 454 -30.26 29.93 20.95
C LYS A 454 -29.06 30.89 20.87
N GLU A 455 -28.54 31.34 22.01
CA GLU A 455 -27.49 32.35 22.00
C GLU A 455 -26.18 31.82 21.41
N LEU A 456 -26.02 30.51 21.27
CA LEU A 456 -24.80 29.93 20.70
C LEU A 456 -24.81 29.88 19.18
N ASN A 457 -25.94 30.21 18.55
CA ASN A 457 -26.01 30.47 17.12
C ASN A 457 -25.69 29.23 16.27
N TYR A 458 -26.21 28.07 16.66
CA TYR A 458 -26.23 26.93 15.76
C TYR A 458 -27.42 27.04 14.81
N THR A 459 -27.36 26.32 13.70
CA THR A 459 -28.50 26.31 12.81
C THR A 459 -29.62 25.44 13.37
N ALA A 460 -30.81 25.61 12.79
CA ALA A 460 -31.95 24.79 13.18
C ALA A 460 -31.71 23.32 12.87
N GLU A 461 -31.02 23.03 11.76
CA GLU A 461 -30.69 21.65 11.43
C GLU A 461 -29.71 21.06 12.45
N GLU A 462 -28.82 21.89 12.99
CA GLU A 462 -27.87 21.42 13.99
C GLU A 462 -28.56 21.14 15.31
N GLU A 463 -29.55 21.96 15.69
CA GLU A 463 -30.36 21.63 16.85
C GLU A 463 -31.06 20.28 16.68
N ALA A 464 -31.59 20.02 15.49
CA ALA A 464 -32.26 18.73 15.28
C ALA A 464 -31.28 17.58 15.38
N LEU A 465 -30.08 17.75 14.82
CA LEU A 465 -29.03 16.73 14.93
C LEU A 465 -28.70 16.45 16.39
N SER A 466 -28.45 17.50 17.18
CA SER A 466 -28.17 17.32 18.61
C SER A 466 -29.29 16.57 19.32
N ARG A 467 -30.55 16.97 19.07
CA ARG A 467 -31.66 16.25 19.67
C ARG A 467 -31.67 14.79 19.23
N ARG A 468 -31.39 14.53 17.95
CA ARG A 468 -31.31 13.15 17.49
C ARG A 468 -30.20 12.40 18.22
N ILE A 469 -29.03 13.04 18.39
CA ILE A 469 -27.91 12.37 19.04
C ILE A 469 -28.21 12.14 20.52
N MET A 470 -28.69 13.18 21.22
CA MET A 470 -29.07 13.00 22.63
C MET A 470 -30.08 11.86 22.81
N HIS A 471 -31.03 11.73 21.88
CA HIS A 471 -32.03 10.69 22.03
C HIS A 471 -31.46 9.30 21.72
N TYR A 472 -30.61 9.19 20.70
CA TYR A 472 -29.88 7.94 20.49
C TYR A 472 -29.11 7.54 21.75
N TRP A 473 -28.32 8.48 22.29
CA TRP A 473 -27.47 8.18 23.43
C TRP A 473 -28.29 7.73 24.64
N ALA A 474 -29.34 8.50 24.97
CA ALA A 474 -30.12 8.20 26.17
C ALA A 474 -31.00 6.96 25.99
N THR A 475 -31.57 6.79 24.79
CA THR A 475 -32.36 5.58 24.56
C THR A 475 -31.48 4.34 24.64
N PHE A 476 -30.28 4.40 24.05
CA PHE A 476 -29.33 3.31 24.25
C PHE A 476 -29.03 3.10 25.74
N ALA A 477 -28.82 4.21 26.48
CA ALA A 477 -28.56 4.08 27.92
C ALA A 477 -29.72 3.39 28.63
N LYS A 478 -30.96 3.73 28.26
CA LYS A 478 -32.13 3.13 28.91
C LYS A 478 -32.33 1.66 28.53
N THR A 479 -32.09 1.29 27.26
CA THR A 479 -32.53 0.00 26.74
C THR A 479 -31.45 -0.88 26.13
N GLY A 480 -30.26 -0.34 25.83
CA GLY A 480 -29.27 -1.09 25.10
C GLY A 480 -29.40 -1.03 23.60
N ASN A 481 -30.26 -0.16 23.08
CA ASN A 481 -30.59 -0.03 21.67
C ASN A 481 -30.90 1.43 21.42
N PRO A 482 -30.17 2.10 20.51
CA PRO A 482 -30.43 3.54 20.29
C PRO A 482 -31.76 3.84 19.62
N ASN A 483 -32.40 2.83 19.03
CA ASN A 483 -33.65 3.03 18.29
C ASN A 483 -34.86 2.90 19.20
N GLU A 484 -35.84 3.80 19.01
CA GLU A 484 -37.13 3.70 19.68
C GLU A 484 -38.05 2.79 18.87
N PRO A 485 -38.73 1.83 19.50
CA PRO A 485 -39.49 0.84 18.72
C PRO A 485 -40.69 1.41 17.97
N HIS A 486 -40.41 2.27 16.98
CA HIS A 486 -41.37 2.89 16.08
C HIS A 486 -40.69 4.00 15.30
N SER A 487 -41.07 4.20 14.04
CA SER A 487 -40.46 5.26 13.25
C SER A 487 -41.29 6.55 13.31
N SER A 490 -36.23 5.42 10.50
CA SER A 490 -35.11 4.66 9.96
C SER A 490 -34.20 4.20 11.10
N LYS A 491 -33.82 2.92 11.06
CA LYS A 491 -33.15 2.28 12.17
C LYS A 491 -31.63 2.34 12.02
N TRP A 492 -30.95 2.59 13.13
CA TRP A 492 -29.51 2.41 13.30
C TRP A 492 -29.27 0.91 13.48
N PRO A 493 -28.69 0.23 12.49
CA PRO A 493 -28.58 -1.22 12.57
C PRO A 493 -27.43 -1.66 13.45
N LEU A 494 -27.61 -2.83 14.07
CA LEU A 494 -26.52 -3.47 14.79
C LEU A 494 -25.31 -3.67 13.89
N PHE A 495 -24.13 -3.37 14.43
CA PHE A 495 -22.89 -3.77 13.78
C PHE A 495 -22.70 -5.26 14.03
N THR A 496 -22.55 -6.02 12.94
CA THR A 496 -22.33 -7.46 13.02
C THR A 496 -20.98 -7.81 12.40
N THR A 497 -20.39 -8.90 12.90
CA THR A 497 -19.13 -9.37 12.33
C THR A 497 -19.22 -9.52 10.82
N LYS A 498 -20.35 -10.05 10.33
CA LYS A 498 -20.46 -10.34 8.90
C LYS A 498 -20.70 -9.07 8.09
N GLU A 499 -21.69 -8.26 8.47
CA GLU A 499 -22.08 -7.13 7.62
C GLU A 499 -21.42 -5.81 8.01
N GLN A 500 -21.02 -5.65 9.28
CA GLN A 500 -20.16 -4.52 9.70
C GLN A 500 -20.78 -3.16 9.39
N LYS A 501 -22.07 -3.02 9.65
CA LYS A 501 -22.77 -1.79 9.31
C LYS A 501 -22.52 -0.69 10.35
N PHE A 502 -22.52 0.56 9.86
CA PHE A 502 -22.45 1.74 10.72
C PHE A 502 -23.28 2.84 10.06
N ILE A 503 -23.56 3.90 10.82
CA ILE A 503 -24.29 5.04 10.28
C ILE A 503 -23.40 6.28 10.34
N ASP A 504 -23.63 7.20 9.40
CA ASP A 504 -23.11 8.55 9.52
C ASP A 504 -24.01 9.36 10.45
N LEU A 505 -23.39 10.28 11.20
CA LEU A 505 -24.13 11.23 12.03
C LEU A 505 -23.86 12.62 11.46
N ASN A 506 -24.86 13.19 10.78
CA ASN A 506 -24.77 14.55 10.29
C ASN A 506 -26.19 15.07 10.12
N THR A 507 -26.30 16.25 9.50
CA THR A 507 -27.60 16.88 9.29
C THR A 507 -28.41 16.26 8.17
N GLU A 508 -27.81 15.39 7.37
CA GLU A 508 -28.52 14.72 6.29
C GLU A 508 -29.23 13.47 6.80
N PRO A 509 -30.25 13.01 6.08
CA PRO A 509 -30.93 11.77 6.48
C PRO A 509 -29.96 10.62 6.59
N MET A 510 -30.19 9.77 7.60
CA MET A 510 -29.27 8.69 7.94
C MET A 510 -28.99 7.80 6.74
N LYS A 511 -27.73 7.45 6.56
CA LYS A 511 -27.31 6.46 5.57
C LYS A 511 -26.50 5.38 6.27
N VAL A 512 -26.71 4.14 5.85
CA VAL A 512 -26.01 2.98 6.39
C VAL A 512 -24.85 2.66 5.47
N HIS A 513 -23.67 2.41 6.04
CA HIS A 513 -22.51 1.98 5.29
C HIS A 513 -21.93 0.73 5.92
N GLN A 514 -20.93 0.15 5.27
CA GLN A 514 -20.25 -1.02 5.79
C GLN A 514 -18.75 -0.80 5.75
N ARG A 515 -18.05 -1.45 6.68
CA ARG A 515 -16.58 -1.53 6.67
C ARG A 515 -15.94 -0.15 6.72
N LEU A 516 -16.12 0.50 7.86
CA LEU A 516 -15.53 1.82 8.10
C LEU A 516 -14.01 1.79 7.90
N ARG A 517 -13.53 2.57 6.93
CA ARG A 517 -12.12 2.72 6.58
C ARG A 517 -11.36 1.39 6.60
N VAL A 518 -11.98 0.37 6.00
CA VAL A 518 -11.44 -0.98 6.10
C VAL A 518 -10.08 -1.09 5.42
N GLN A 519 -9.87 -0.36 4.31
CA GLN A 519 -8.61 -0.46 3.59
C GLN A 519 -7.45 0.05 4.44
N MET A 520 -7.58 1.27 4.99
CA MET A 520 -6.49 1.77 5.82
CA MET A 520 -6.54 1.82 5.84
C MET A 520 -6.36 0.98 7.11
N CYS A 521 -7.46 0.44 7.64
CA CYS A 521 -7.30 -0.26 8.91
C CYS A 521 -6.71 -1.65 8.76
N VAL A 522 -6.84 -2.29 7.59
CA VAL A 522 -6.01 -3.47 7.34
C VAL A 522 -4.52 -3.10 7.39
N PHE A 523 -4.17 -1.94 6.83
CA PHE A 523 -2.77 -1.51 6.89
C PHE A 523 -2.32 -1.28 8.34
N TRP A 524 -3.10 -0.50 9.11
CA TRP A 524 -2.69 -0.17 10.48
C TRP A 524 -2.85 -1.33 11.47
N ASN A 525 -3.87 -2.17 11.29
CA ASN A 525 -4.13 -3.21 12.28
C ASN A 525 -3.47 -4.54 11.97
N GLN A 526 -3.11 -4.78 10.71
CA GLN A 526 -2.57 -6.08 10.31
C GLN A 526 -1.20 -5.98 9.67
N PHE A 527 -1.03 -5.20 8.59
CA PHE A 527 0.23 -5.25 7.85
C PHE A 527 1.34 -4.51 8.59
N LEU A 528 1.11 -3.27 9.00
CA LEU A 528 2.19 -2.54 9.66
C LEU A 528 2.67 -3.23 10.93
N PRO A 529 1.79 -3.69 11.84
CA PRO A 529 2.31 -4.41 13.02
C PRO A 529 3.18 -5.60 12.64
N LYS A 530 2.75 -6.37 11.64
CA LYS A 530 3.55 -7.49 11.17
C LYS A 530 4.89 -7.03 10.62
N LEU A 531 4.90 -5.91 9.90
CA LEU A 531 6.15 -5.37 9.35
C LEU A 531 7.10 -4.97 10.46
N LEU A 532 6.59 -4.25 11.47
CA LEU A 532 7.46 -3.75 12.53
C LEU A 532 7.98 -4.90 13.39
N ASN A 533 7.14 -5.91 13.61
CA ASN A 533 7.58 -7.09 14.35
C ASN A 533 8.64 -7.88 13.58
N ALA A 534 8.64 -7.78 12.25
CA ALA A 534 9.56 -8.58 11.43
C ALA A 534 10.87 -7.87 11.16
N THR A 535 10.90 -6.54 11.16
CA THR A 535 12.05 -5.80 10.68
C THR A 535 12.62 -4.82 11.71
N SER B 4 22.53 -8.89 -61.19
CA SER B 4 21.37 -9.65 -60.75
C SER B 4 20.89 -9.19 -59.37
N GLU B 5 19.58 -8.94 -59.30
CA GLU B 5 19.00 -8.43 -58.06
C GLU B 5 18.94 -9.51 -56.98
N LEU B 6 18.79 -10.76 -57.38
CA LEU B 6 18.63 -11.87 -56.44
C LEU B 6 19.93 -12.59 -56.13
N LEU B 7 21.02 -12.23 -56.79
CA LEU B 7 22.31 -12.90 -56.60
C LEU B 7 23.25 -11.91 -55.93
N VAL B 8 23.70 -12.24 -54.72
CA VAL B 8 24.51 -11.35 -53.91
C VAL B 8 25.73 -12.12 -53.43
N ASN B 9 26.92 -11.54 -53.61
CA ASN B 9 28.14 -12.14 -53.10
C ASN B 9 28.48 -11.50 -51.76
N THR B 10 28.55 -12.32 -50.72
CA THR B 10 28.89 -11.84 -49.39
C THR B 10 30.31 -12.25 -49.06
N LYS B 11 30.81 -11.76 -47.93
CA LYS B 11 32.15 -12.10 -47.49
C LYS B 11 32.30 -13.58 -47.15
N SER B 12 31.21 -14.32 -46.97
CA SER B 12 31.29 -15.76 -46.75
C SER B 12 30.83 -16.56 -47.97
N GLY B 13 30.52 -15.92 -49.10
CA GLY B 13 30.16 -16.62 -50.31
C GLY B 13 28.89 -16.08 -50.92
N LYS B 14 28.53 -16.65 -52.07
CA LYS B 14 27.39 -16.18 -52.85
C LYS B 14 26.07 -16.75 -52.30
N VAL B 15 25.01 -15.93 -52.36
CA VAL B 15 23.67 -16.35 -51.99
C VAL B 15 22.72 -15.95 -53.11
N MET B 16 21.67 -16.74 -53.28
CA MET B 16 20.67 -16.52 -54.32
C MET B 16 19.31 -16.43 -53.64
N GLY B 17 18.70 -15.25 -53.68
CA GLY B 17 17.41 -15.01 -53.05
C GLY B 17 16.25 -15.41 -53.93
N THR B 18 15.05 -15.02 -53.49
CA THR B 18 13.83 -15.33 -54.20
C THR B 18 12.95 -14.09 -54.25
N ARG B 19 12.17 -13.97 -55.31
CA ARG B 19 11.27 -12.83 -55.50
C ARG B 19 9.90 -13.19 -54.93
N VAL B 20 9.44 -12.39 -53.98
CA VAL B 20 8.23 -12.72 -53.21
C VAL B 20 7.16 -11.66 -53.44
N PRO B 21 5.90 -12.05 -53.63
CA PRO B 21 4.85 -11.06 -53.76
C PRO B 21 4.55 -10.39 -52.43
N VAL B 22 4.14 -9.13 -52.50
CA VAL B 22 3.72 -8.40 -51.30
C VAL B 22 2.74 -7.32 -51.73
N LEU B 23 1.49 -7.44 -51.26
CA LEU B 23 0.50 -6.37 -51.40
C LEU B 23 0.42 -5.86 -52.84
N SER B 24 0.33 -6.79 -53.79
CA SER B 24 0.24 -6.52 -55.22
C SER B 24 1.50 -5.88 -55.79
N SER B 25 2.65 -6.08 -55.15
CA SER B 25 3.95 -5.72 -55.70
C SER B 25 4.90 -6.88 -55.39
N HIS B 26 6.21 -6.63 -55.43
CA HIS B 26 7.18 -7.66 -55.14
C HIS B 26 8.38 -7.06 -54.44
N ILE B 27 9.08 -7.88 -53.65
CA ILE B 27 10.39 -7.54 -53.10
C ILE B 27 11.26 -8.79 -53.10
N SER B 28 12.53 -8.61 -52.77
CA SER B 28 13.48 -9.72 -52.72
C SER B 28 13.58 -10.27 -51.31
N ALA B 29 13.69 -11.59 -51.21
CA ALA B 29 13.86 -12.25 -49.92
C ALA B 29 15.05 -13.18 -49.98
N PHE B 30 15.90 -13.10 -48.97
CA PHE B 30 17.04 -13.99 -48.83
C PHE B 30 16.81 -14.72 -47.51
N LEU B 31 16.36 -15.97 -47.61
CA LEU B 31 15.91 -16.73 -46.45
C LEU B 31 16.94 -17.79 -46.09
N GLY B 32 17.19 -17.91 -44.79
CA GLY B 32 18.02 -18.99 -44.28
C GLY B 32 19.50 -18.87 -44.58
N ILE B 33 20.04 -17.65 -44.51
CA ILE B 33 21.47 -17.45 -44.70
C ILE B 33 22.21 -17.85 -43.41
N PRO B 34 23.24 -18.69 -43.50
CA PRO B 34 23.97 -19.07 -42.29
C PRO B 34 24.92 -17.98 -41.84
N PHE B 35 24.98 -17.74 -40.53
CA PHE B 35 25.92 -16.78 -40.00
C PHE B 35 26.89 -17.40 -39.01
N ALA B 36 26.73 -18.68 -38.68
CA ALA B 36 27.61 -19.35 -37.74
C ALA B 36 27.76 -20.79 -38.19
N GLU B 37 28.82 -21.44 -37.71
CA GLU B 37 28.92 -22.89 -37.85
C GLU B 37 27.81 -23.55 -37.05
N PRO B 38 27.25 -24.66 -37.53
CA PRO B 38 26.26 -25.38 -36.73
C PRO B 38 26.80 -25.71 -35.36
N PRO B 39 26.09 -25.34 -34.30
CA PRO B 39 26.59 -25.58 -32.93
C PRO B 39 26.23 -26.97 -32.41
N VAL B 40 26.74 -27.99 -33.09
CA VAL B 40 26.32 -29.38 -32.86
C VAL B 40 27.50 -30.21 -32.34
N GLY B 41 27.15 -31.35 -31.72
CA GLY B 41 28.16 -32.26 -31.21
C GLY B 41 28.99 -31.68 -30.11
N ASN B 42 30.31 -31.66 -30.29
CA ASN B 42 31.16 -31.09 -29.24
C ASN B 42 31.05 -29.59 -29.13
N MET B 43 30.25 -28.94 -29.99
CA MET B 43 30.03 -27.50 -29.91
CA MET B 43 30.04 -27.51 -29.90
C MET B 43 28.72 -27.14 -29.22
N ARG B 44 27.96 -28.13 -28.76
CA ARG B 44 26.77 -27.82 -27.96
C ARG B 44 27.21 -27.12 -26.69
N PHE B 45 26.55 -26.01 -26.37
CA PHE B 45 26.77 -25.12 -25.22
C PHE B 45 27.94 -24.16 -25.42
N ARG B 46 28.74 -24.31 -26.48
CA ARG B 46 29.90 -23.46 -26.74
C ARG B 46 29.51 -22.14 -27.40
N ARG B 47 30.38 -21.13 -27.23
CA ARG B 47 30.22 -19.89 -27.98
CA ARG B 47 30.25 -19.89 -27.98
C ARG B 47 30.13 -20.20 -29.47
N PRO B 48 29.35 -19.44 -30.22
CA PRO B 48 29.26 -19.70 -31.66
C PRO B 48 30.56 -19.36 -32.37
N GLU B 49 30.76 -20.02 -33.52
CA GLU B 49 31.89 -19.76 -34.40
C GLU B 49 31.40 -19.23 -35.74
N PRO B 50 32.10 -18.28 -36.36
CA PRO B 50 31.64 -17.75 -37.65
C PRO B 50 31.51 -18.85 -38.69
N LYS B 51 30.52 -18.70 -39.57
CA LYS B 51 30.32 -19.64 -40.67
C LYS B 51 31.54 -19.64 -41.58
N LYS B 52 32.10 -20.81 -41.83
CA LYS B 52 33.22 -20.89 -42.76
C LYS B 52 32.73 -20.62 -44.18
N PRO B 53 33.48 -19.87 -44.98
CA PRO B 53 33.02 -19.55 -46.33
C PRO B 53 32.76 -20.82 -47.15
N TRP B 54 31.79 -20.73 -48.05
CA TRP B 54 31.38 -21.83 -48.90
C TRP B 54 31.65 -21.49 -50.37
N SER B 55 31.80 -22.53 -51.18
CA SER B 55 31.87 -22.36 -52.61
C SER B 55 30.46 -22.51 -53.20
N GLY B 56 30.31 -22.01 -54.43
CA GLY B 56 29.03 -22.14 -55.08
C GLY B 56 28.04 -21.12 -54.55
N VAL B 57 26.77 -21.36 -54.84
CA VAL B 57 25.69 -20.43 -54.55
C VAL B 57 24.81 -21.03 -53.46
N TRP B 58 24.68 -20.33 -52.34
CA TRP B 58 23.76 -20.76 -51.29
C TRP B 58 22.33 -20.50 -51.75
N ASN B 59 21.49 -21.53 -51.75
CA ASN B 59 20.08 -21.35 -52.12
C ASN B 59 19.38 -20.72 -50.92
N ALA B 60 19.07 -19.43 -51.01
CA ALA B 60 18.43 -18.73 -49.90
C ALA B 60 16.97 -18.46 -50.25
N SER B 61 16.27 -19.48 -50.75
CA SER B 61 14.91 -19.31 -51.20
C SER B 61 13.87 -19.81 -50.20
N THR B 62 14.29 -20.51 -49.15
CA THR B 62 13.36 -21.12 -48.20
C THR B 62 13.79 -20.85 -46.77
N TYR B 63 12.81 -20.78 -45.88
CA TYR B 63 13.09 -20.56 -44.46
C TYR B 63 14.00 -21.67 -43.92
N PRO B 64 14.84 -21.37 -42.94
CA PRO B 64 15.71 -22.39 -42.33
C PRO B 64 14.96 -23.23 -41.31
N ASN B 65 15.68 -24.17 -40.71
CA ASN B 65 15.22 -24.89 -39.52
C ASN B 65 15.05 -23.93 -38.35
N ASN B 66 14.23 -24.35 -37.39
CA ASN B 66 14.09 -23.66 -36.10
C ASN B 66 14.96 -24.35 -35.05
N CYS B 67 15.42 -23.58 -34.06
CA CYS B 67 16.21 -24.16 -32.98
C CYS B 67 15.36 -25.11 -32.13
N GLN B 68 16.04 -26.03 -31.42
CA GLN B 68 15.35 -27.02 -30.60
C GLN B 68 14.71 -26.35 -29.39
N GLN B 69 13.44 -26.66 -29.15
CA GLN B 69 12.75 -25.96 -28.07
C GLN B 69 11.52 -26.74 -27.62
N TYR B 70 11.08 -26.44 -26.40
CA TYR B 70 9.78 -26.85 -25.91
C TYR B 70 8.68 -26.44 -26.89
N VAL B 71 7.78 -27.36 -27.20
CA VAL B 71 6.65 -27.09 -28.08
C VAL B 71 5.37 -27.06 -27.24
N ASP B 72 4.60 -25.98 -27.36
CA ASP B 72 3.36 -25.82 -26.60
C ASP B 72 2.24 -26.67 -27.20
N GLU B 73 1.79 -27.70 -26.49
CA GLU B 73 0.62 -28.45 -26.93
C GLU B 73 -0.53 -28.33 -25.94
N GLN B 74 -0.64 -27.19 -25.27
CA GLN B 74 -1.73 -26.99 -24.33
C GLN B 74 -3.07 -26.96 -25.03
N PHE B 75 -3.15 -26.33 -26.20
CA PHE B 75 -4.39 -26.23 -26.97
C PHE B 75 -4.16 -26.79 -28.37
N PRO B 76 -4.21 -28.12 -28.52
CA PRO B 76 -3.90 -28.72 -29.83
C PRO B 76 -4.88 -28.24 -30.90
N GLY B 77 -4.32 -27.81 -32.03
CA GLY B 77 -5.13 -27.31 -33.13
C GLY B 77 -5.52 -25.84 -33.03
N PHE B 78 -5.30 -25.19 -31.88
CA PHE B 78 -5.76 -23.82 -31.68
C PHE B 78 -4.74 -22.85 -32.27
N SER B 79 -5.18 -21.99 -33.18
CA SER B 79 -4.24 -21.12 -33.88
C SER B 79 -3.60 -20.11 -32.93
N GLY B 80 -4.33 -19.69 -31.88
CA GLY B 80 -3.81 -18.69 -30.97
C GLY B 80 -2.53 -19.10 -30.28
N SER B 81 -2.39 -20.39 -29.97
CA SER B 81 -1.15 -20.93 -29.41
C SER B 81 -0.21 -21.50 -30.46
N GLU B 82 -0.74 -22.23 -31.43
CA GLU B 82 0.14 -22.93 -32.37
C GLU B 82 0.90 -21.95 -33.28
N MET B 83 0.37 -20.76 -33.51
CA MET B 83 1.10 -19.81 -34.35
C MET B 83 2.42 -19.34 -33.74
N TRP B 84 2.68 -19.62 -32.46
CA TRP B 84 3.96 -19.29 -31.83
C TRP B 84 4.94 -20.46 -31.84
N ASN B 85 4.49 -21.66 -32.17
CA ASN B 85 5.32 -22.85 -32.19
C ASN B 85 6.19 -22.88 -33.46
N PRO B 86 7.28 -23.65 -33.44
CA PRO B 86 8.06 -23.85 -34.68
C PRO B 86 7.16 -24.31 -35.82
N ASN B 87 7.30 -23.66 -36.96
CA ASN B 87 6.62 -24.04 -38.19
C ASN B 87 7.58 -24.64 -39.19
N ARG B 88 8.80 -24.93 -38.76
CA ARG B 88 9.80 -25.62 -39.57
C ARG B 88 10.36 -26.76 -38.73
N GLU B 89 11.17 -27.60 -39.37
CA GLU B 89 11.81 -28.68 -38.63
C GLU B 89 12.74 -28.09 -37.58
N MET B 90 12.72 -28.67 -36.39
CA MET B 90 13.65 -28.28 -35.33
C MET B 90 14.99 -28.98 -35.50
N SER B 91 16.07 -28.25 -35.23
CA SER B 91 17.41 -28.81 -35.35
C SER B 91 18.37 -27.94 -34.55
N GLU B 92 19.41 -28.58 -34.00
CA GLU B 92 20.48 -27.77 -33.42
C GLU B 92 21.23 -26.98 -34.48
N ASP B 93 21.15 -27.42 -35.74
CA ASP B 93 21.64 -26.68 -36.89
C ASP B 93 20.59 -25.63 -37.23
N CYS B 94 20.66 -24.46 -36.56
CA CYS B 94 19.60 -23.47 -36.68
C CYS B 94 20.07 -22.02 -36.71
N LEU B 95 21.37 -21.75 -36.82
CA LEU B 95 21.85 -20.36 -36.75
C LEU B 95 21.84 -19.75 -38.13
N TYR B 96 20.68 -19.18 -38.49
CA TYR B 96 20.45 -18.60 -39.81
C TYR B 96 19.73 -17.26 -39.64
N LEU B 97 19.85 -16.40 -40.64
CA LEU B 97 19.12 -15.14 -40.64
C LEU B 97 18.42 -14.98 -41.98
N ASN B 98 17.41 -14.12 -41.98
CA ASN B 98 16.60 -13.83 -43.15
C ASN B 98 16.61 -12.33 -43.43
N ILE B 99 16.55 -11.97 -44.72
CA ILE B 99 16.64 -10.58 -45.14
C ILE B 99 15.55 -10.30 -46.18
N TRP B 100 14.77 -9.25 -45.97
CA TRP B 100 13.84 -8.71 -46.96
C TRP B 100 14.39 -7.39 -47.49
N VAL B 101 14.50 -7.26 -48.80
CA VAL B 101 15.16 -6.13 -49.45
C VAL B 101 14.17 -5.51 -50.43
N PRO B 102 13.89 -4.21 -50.33
CA PRO B 102 13.02 -3.56 -51.33
C PRO B 102 13.54 -3.78 -52.75
N SER B 103 12.60 -3.76 -53.70
CA SER B 103 12.93 -3.91 -55.13
C SER B 103 12.38 -2.71 -55.91
N PRO B 104 13.27 -1.98 -56.63
CA PRO B 104 14.69 -2.24 -56.83
C PRO B 104 15.55 -2.03 -55.59
N ARG B 105 16.69 -2.69 -55.55
CA ARG B 105 17.58 -2.66 -54.40
C ARG B 105 17.98 -1.22 -54.08
N PRO B 106 17.74 -0.75 -52.86
CA PRO B 106 18.17 0.61 -52.50
C PRO B 106 19.68 0.71 -52.47
N LYS B 107 20.17 1.95 -52.40
CA LYS B 107 21.62 2.13 -52.41
C LYS B 107 22.22 1.89 -51.03
N SER B 108 21.75 2.63 -50.02
CA SER B 108 22.28 2.56 -48.67
C SER B 108 21.22 2.98 -47.66
N THR B 109 20.28 2.09 -47.36
CA THR B 109 19.10 2.48 -46.60
C THR B 109 19.13 1.90 -45.18
N THR B 110 18.15 2.35 -44.40
CA THR B 110 18.04 1.97 -43.00
C THR B 110 17.79 0.48 -42.85
N VAL B 111 18.46 -0.13 -41.87
CA VAL B 111 18.34 -1.54 -41.55
C VAL B 111 17.62 -1.70 -40.21
N MET B 112 16.73 -2.69 -40.12
CA MET B 112 16.09 -3.07 -38.86
C MET B 112 16.29 -4.57 -38.65
N VAL B 113 16.81 -4.95 -37.48
CA VAL B 113 17.08 -6.35 -37.18
C VAL B 113 16.18 -6.80 -36.03
N TRP B 114 15.35 -7.80 -36.31
CA TRP B 114 14.37 -8.33 -35.38
C TRP B 114 14.95 -9.49 -34.55
N ILE B 115 14.74 -9.43 -33.24
CA ILE B 115 15.18 -10.47 -32.31
C ILE B 115 13.93 -11.03 -31.63
N TYR B 116 13.61 -12.29 -31.90
CA TYR B 116 12.36 -12.84 -31.36
C TYR B 116 12.46 -13.07 -29.86
N GLY B 117 11.30 -13.06 -29.21
CA GLY B 117 11.18 -13.43 -27.81
C GLY B 117 10.64 -14.84 -27.64
N GLY B 118 10.19 -15.14 -26.43
CA GLY B 118 9.81 -16.50 -26.09
C GLY B 118 10.47 -17.00 -24.82
N GLY B 119 10.72 -16.10 -23.87
CA GLY B 119 11.20 -16.50 -22.55
C GLY B 119 12.61 -17.04 -22.50
N PHE B 120 13.40 -16.84 -23.56
CA PHE B 120 14.72 -17.46 -23.79
C PHE B 120 14.65 -18.98 -23.91
N TYR B 121 13.45 -19.57 -23.96
CA TYR B 121 13.37 -21.01 -24.13
C TYR B 121 12.60 -21.43 -25.37
N SER B 122 12.03 -20.49 -26.13
CA SER B 122 11.31 -20.80 -27.36
C SER B 122 11.43 -19.62 -28.30
N GLY B 123 10.94 -19.79 -29.52
CA GLY B 123 10.96 -18.72 -30.51
C GLY B 123 11.57 -19.16 -31.83
N SER B 124 11.09 -18.56 -32.91
CA SER B 124 11.55 -18.86 -34.26
C SER B 124 11.53 -17.58 -35.08
N SER B 125 12.48 -17.46 -36.01
CA SER B 125 12.49 -16.31 -36.91
C SER B 125 11.44 -16.43 -38.01
N THR B 126 10.80 -17.58 -38.14
CA THR B 126 10.01 -17.94 -39.31
C THR B 126 8.51 -17.88 -39.07
N LEU B 127 8.08 -17.42 -37.90
CA LEU B 127 6.65 -17.36 -37.63
C LEU B 127 5.96 -16.41 -38.61
N ASP B 128 4.67 -16.67 -38.85
CA ASP B 128 3.89 -15.83 -39.76
C ASP B 128 3.86 -14.37 -39.30
N VAL B 129 3.81 -14.15 -37.98
CA VAL B 129 3.72 -12.79 -37.47
C VAL B 129 5.04 -12.02 -37.54
N TYR B 130 6.14 -12.70 -37.88
CA TYR B 130 7.44 -12.05 -38.07
C TYR B 130 7.83 -11.90 -39.55
N ASN B 131 6.90 -12.17 -40.46
CA ASN B 131 7.18 -12.02 -41.89
C ASN B 131 7.57 -10.57 -42.21
N GLY B 132 8.81 -10.37 -42.67
CA GLY B 132 9.29 -9.01 -42.83
C GLY B 132 8.87 -8.28 -44.08
N LYS B 133 8.10 -8.93 -44.97
CA LYS B 133 7.91 -8.34 -46.29
C LYS B 133 7.03 -7.10 -46.26
N TYR B 134 6.04 -7.04 -45.36
CA TYR B 134 5.15 -5.87 -45.34
C TYR B 134 5.87 -4.63 -44.83
N LEU B 135 6.69 -4.76 -43.78
CA LEU B 135 7.41 -3.61 -43.26
C LEU B 135 8.50 -3.18 -44.23
N ALA B 136 9.25 -4.13 -44.78
CA ALA B 136 10.32 -3.77 -45.72
C ALA B 136 9.77 -3.04 -46.93
N TYR B 137 8.64 -3.52 -47.46
CA TYR B 137 8.04 -2.92 -48.65
C TYR B 137 7.39 -1.59 -48.34
N THR B 138 6.66 -1.49 -47.23
CA THR B 138 5.88 -0.29 -46.95
C THR B 138 6.76 0.88 -46.54
N GLU B 139 7.81 0.62 -45.75
CA GLU B 139 8.65 1.69 -45.25
C GLU B 139 10.02 1.74 -45.92
N GLU B 140 10.26 0.91 -46.94
CA GLU B 140 11.52 0.92 -47.69
CA GLU B 140 11.52 0.93 -47.69
C GLU B 140 12.72 0.77 -46.75
N VAL B 141 12.67 -0.28 -45.93
CA VAL B 141 13.80 -0.61 -45.07
C VAL B 141 14.27 -2.00 -45.47
N VAL B 142 15.52 -2.29 -45.16
CA VAL B 142 16.07 -3.64 -45.23
C VAL B 142 15.81 -4.30 -43.88
N LEU B 143 15.01 -5.36 -43.88
CA LEU B 143 14.56 -6.02 -42.66
C LEU B 143 15.25 -7.37 -42.51
N VAL B 144 15.98 -7.53 -41.41
CA VAL B 144 16.66 -8.77 -41.07
C VAL B 144 15.97 -9.39 -39.86
N SER B 145 15.79 -10.71 -39.87
CA SER B 145 15.46 -11.43 -38.65
C SER B 145 16.54 -12.46 -38.38
N LEU B 146 17.08 -12.46 -37.16
CA LEU B 146 18.13 -13.38 -36.78
C LEU B 146 17.53 -14.56 -36.02
N SER B 147 18.39 -15.47 -35.57
CA SER B 147 18.00 -16.57 -34.72
C SER B 147 19.08 -16.75 -33.67
N TYR B 148 18.74 -17.45 -32.59
CA TYR B 148 19.70 -17.70 -31.52
C TYR B 148 19.23 -18.95 -30.76
N ARG B 149 20.20 -19.68 -30.21
CA ARG B 149 19.89 -20.87 -29.44
C ARG B 149 19.11 -20.51 -28.18
N VAL B 150 18.07 -21.28 -27.88
CA VAL B 150 17.24 -21.03 -26.71
C VAL B 150 17.35 -22.22 -25.76
N GLY B 151 16.77 -22.06 -24.57
CA GLY B 151 16.80 -23.14 -23.60
C GLY B 151 18.22 -23.44 -23.13
N ALA B 152 18.42 -24.69 -22.69
CA ALA B 152 19.74 -25.13 -22.24
C ALA B 152 20.79 -24.99 -23.33
N PHE B 153 20.39 -25.15 -24.59
CA PHE B 153 21.34 -25.08 -25.70
C PHE B 153 21.96 -23.68 -25.80
N GLY B 154 21.21 -22.66 -25.42
CA GLY B 154 21.71 -21.30 -25.51
C GLY B 154 22.16 -20.72 -24.19
N PHE B 155 21.69 -21.25 -23.06
CA PHE B 155 21.92 -20.52 -21.82
C PHE B 155 22.32 -21.40 -20.64
N LEU B 156 22.66 -22.67 -20.85
CA LEU B 156 23.33 -23.45 -19.80
C LEU B 156 24.60 -22.72 -19.37
N ALA B 157 24.73 -22.45 -18.07
CA ALA B 157 25.83 -21.62 -17.56
C ALA B 157 26.54 -22.33 -16.43
N LEU B 158 27.78 -22.76 -16.68
CA LEU B 158 28.69 -23.30 -15.68
C LEU B 158 29.90 -22.37 -15.61
N HIS B 159 29.76 -21.27 -14.88
CA HIS B 159 30.76 -20.21 -14.90
C HIS B 159 32.14 -20.73 -14.50
N GLY B 160 33.15 -20.34 -15.27
CA GLY B 160 34.49 -20.89 -15.11
C GLY B 160 34.82 -21.83 -16.26
N SER B 161 33.86 -22.64 -16.67
CA SER B 161 34.05 -23.49 -17.83
CA SER B 161 34.04 -23.49 -17.82
C SER B 161 34.05 -22.65 -19.10
N GLN B 162 34.88 -23.06 -20.05
CA GLN B 162 34.90 -22.45 -21.37
C GLN B 162 34.13 -23.29 -22.38
N GLU B 163 33.61 -24.44 -21.95
CA GLU B 163 32.80 -25.30 -22.81
C GLU B 163 31.31 -25.01 -22.65
N ALA B 164 30.87 -24.62 -21.46
CA ALA B 164 29.51 -24.14 -21.23
C ALA B 164 29.58 -22.88 -20.38
N PRO B 165 30.03 -21.77 -20.97
CA PRO B 165 30.22 -20.54 -20.17
C PRO B 165 28.93 -19.82 -19.82
N GLY B 166 27.84 -20.06 -20.55
CA GLY B 166 26.64 -19.28 -20.44
C GLY B 166 26.57 -18.16 -21.47
N ASN B 167 25.38 -17.60 -21.61
CA ASN B 167 25.12 -16.47 -22.51
C ASN B 167 25.41 -16.75 -23.98
N VAL B 168 25.52 -18.02 -24.42
CA VAL B 168 25.95 -18.22 -25.81
C VAL B 168 24.83 -17.87 -26.79
N GLY B 169 23.56 -17.95 -26.37
CA GLY B 169 22.49 -17.44 -27.23
C GLY B 169 22.61 -15.94 -27.48
N LEU B 170 23.04 -15.18 -26.47
CA LEU B 170 23.31 -13.76 -26.68
C LEU B 170 24.48 -13.56 -27.64
N LEU B 171 25.49 -14.44 -27.57
CA LEU B 171 26.59 -14.37 -28.51
C LEU B 171 26.16 -14.78 -29.91
N ASP B 172 25.19 -15.69 -30.04
CA ASP B 172 24.59 -15.97 -31.35
C ASP B 172 24.00 -14.71 -31.95
N GLN B 173 23.20 -13.97 -31.16
CA GLN B 173 22.63 -12.72 -31.64
C GLN B 173 23.73 -11.75 -32.06
N ARG B 174 24.79 -11.64 -31.25
CA ARG B 174 25.86 -10.72 -31.57
CA ARG B 174 25.86 -10.71 -31.57
C ARG B 174 26.58 -11.11 -32.85
N MET B 175 26.76 -12.42 -33.08
CA MET B 175 27.42 -12.85 -34.30
C MET B 175 26.59 -12.52 -35.52
N ALA B 176 25.26 -12.63 -35.41
CA ALA B 176 24.41 -12.19 -36.51
C ALA B 176 24.48 -10.67 -36.70
N LEU B 177 24.55 -9.91 -35.60
CA LEU B 177 24.75 -8.46 -35.73
C LEU B 177 26.09 -8.16 -36.39
N GLN B 178 27.15 -8.89 -36.04
CA GLN B 178 28.43 -8.71 -36.71
C GLN B 178 28.33 -9.05 -38.20
N TRP B 179 27.55 -10.08 -38.56
CA TRP B 179 27.39 -10.43 -39.97
C TRP B 179 26.70 -9.30 -40.73
N VAL B 180 25.65 -8.72 -40.13
CA VAL B 180 24.96 -7.58 -40.74
C VAL B 180 25.93 -6.42 -40.92
N HIS B 181 26.72 -6.12 -39.87
CA HIS B 181 27.71 -5.05 -39.96
C HIS B 181 28.64 -5.25 -41.13
N ASP B 182 29.06 -6.49 -41.38
CA ASP B 182 30.03 -6.83 -42.42
C ASP B 182 29.43 -7.01 -43.80
N ASN B 183 28.14 -7.33 -43.90
CA ASN B 183 27.60 -7.77 -45.18
C ASN B 183 26.37 -7.03 -45.66
N ILE B 184 25.69 -6.26 -44.81
CA ILE B 184 24.40 -5.74 -45.24
C ILE B 184 24.55 -4.70 -46.35
N GLN B 185 25.71 -4.06 -46.47
CA GLN B 185 25.93 -3.14 -47.59
C GLN B 185 25.73 -3.82 -48.95
N PHE B 186 25.98 -5.13 -49.03
CA PHE B 186 25.83 -5.83 -50.31
C PHE B 186 24.37 -6.05 -50.67
N PHE B 187 23.46 -5.81 -49.72
CA PHE B 187 22.03 -5.91 -49.93
C PHE B 187 21.36 -4.55 -49.97
N GLY B 188 22.14 -3.48 -50.01
CA GLY B 188 21.57 -2.15 -50.05
C GLY B 188 21.28 -1.53 -48.70
N GLY B 189 21.84 -2.08 -47.62
CA GLY B 189 21.63 -1.54 -46.29
C GLY B 189 22.83 -0.77 -45.77
N ASP B 190 22.58 0.22 -44.92
CA ASP B 190 23.64 1.02 -44.35
C ASP B 190 24.05 0.43 -43.00
N PRO B 191 25.23 -0.16 -42.88
CA PRO B 191 25.64 -0.72 -41.57
C PRO B 191 25.82 0.33 -40.48
N LYS B 192 25.86 1.61 -40.82
CA LYS B 192 25.90 2.66 -39.81
C LYS B 192 24.51 3.09 -39.33
N THR B 193 23.44 2.56 -39.93
CA THR B 193 22.07 2.92 -39.51
C THR B 193 21.25 1.63 -39.26
N VAL B 194 21.74 0.81 -38.34
CA VAL B 194 21.05 -0.43 -37.97
C VAL B 194 20.28 -0.20 -36.67
N THR B 195 18.98 -0.45 -36.70
CA THR B 195 18.15 -0.50 -35.50
C THR B 195 17.86 -1.95 -35.14
N ILE B 196 18.13 -2.32 -33.89
CA ILE B 196 17.74 -3.63 -33.38
C ILE B 196 16.42 -3.45 -32.63
N PHE B 197 15.47 -4.36 -32.88
CA PHE B 197 14.21 -4.35 -32.16
C PHE B 197 13.80 -5.78 -31.82
N GLY B 198 13.10 -5.94 -30.71
CA GLY B 198 12.64 -7.26 -30.31
C GLY B 198 11.58 -7.13 -29.25
N GLU B 199 10.86 -8.23 -29.03
CA GLU B 199 9.75 -8.25 -28.09
C GLU B 199 9.99 -9.33 -27.04
N SER B 200 9.55 -9.05 -25.81
CA SER B 200 9.68 -9.93 -24.64
C SER B 200 11.16 -10.26 -24.45
N ALA B 201 11.56 -11.53 -24.42
CA ALA B 201 12.96 -11.89 -24.29
C ALA B 201 13.81 -11.22 -25.35
N GLY B 202 13.25 -11.00 -26.54
CA GLY B 202 13.97 -10.24 -27.56
C GLY B 202 14.13 -8.79 -27.20
N GLY B 203 13.17 -8.24 -26.44
CA GLY B 203 13.31 -6.87 -25.95
C GLY B 203 14.32 -6.77 -24.83
N ALA B 204 14.31 -7.72 -23.91
CA ALA B 204 15.39 -7.81 -22.93
C ALA B 204 16.74 -7.94 -23.62
N SER B 205 16.82 -8.82 -24.63
CA SER B 205 18.06 -8.98 -25.39
C SER B 205 18.55 -7.65 -25.95
N VAL B 206 17.65 -6.89 -26.58
CA VAL B 206 18.03 -5.59 -27.13
C VAL B 206 18.63 -4.71 -26.04
N GLY B 207 18.04 -4.73 -24.85
CA GLY B 207 18.59 -3.96 -23.76
C GLY B 207 19.94 -4.47 -23.30
N MET B 208 20.14 -5.78 -23.38
CA MET B 208 21.40 -6.38 -22.97
C MET B 208 22.53 -6.03 -23.94
N HIS B 209 22.21 -5.85 -25.24
CA HIS B 209 23.21 -5.40 -26.19
C HIS B 209 23.54 -3.92 -26.01
N ILE B 210 22.57 -3.12 -25.54
CA ILE B 210 22.84 -1.75 -25.16
C ILE B 210 23.86 -1.71 -24.04
N LEU B 211 23.74 -2.64 -23.09
CA LEU B 211 24.63 -2.67 -21.93
C LEU B 211 25.99 -3.28 -22.26
N SER B 212 26.02 -4.34 -23.06
CA SER B 212 27.26 -5.11 -23.22
C SER B 212 28.26 -4.39 -24.11
N PRO B 213 29.45 -4.07 -23.63
CA PRO B 213 30.43 -3.36 -24.47
C PRO B 213 30.74 -4.09 -25.76
N GLY B 214 30.80 -5.42 -25.74
CA GLY B 214 31.07 -6.18 -26.95
C GLY B 214 29.99 -6.11 -28.00
N SER B 215 28.81 -5.58 -27.68
CA SER B 215 27.73 -5.44 -28.65
C SER B 215 27.53 -4.02 -29.16
N ARG B 216 27.98 -3.01 -28.40
CA ARG B 216 27.46 -1.65 -28.56
C ARG B 216 27.74 -1.08 -29.94
N ASP B 217 28.89 -1.39 -30.51
CA ASP B 217 29.27 -0.82 -31.80
C ASP B 217 28.64 -1.53 -32.99
N LEU B 218 27.79 -2.52 -32.78
CA LEU B 218 27.19 -3.27 -33.88
C LEU B 218 25.77 -2.82 -34.21
N PHE B 219 25.36 -1.65 -33.74
CA PHE B 219 24.04 -1.12 -34.09
C PHE B 219 24.00 0.34 -33.70
N ARG B 220 23.03 1.06 -34.27
CA ARG B 220 22.88 2.50 -34.10
C ARG B 220 21.92 2.89 -32.99
N ARG B 221 20.75 2.23 -32.92
CA ARG B 221 19.77 2.51 -31.87
C ARG B 221 18.84 1.31 -31.74
N ALA B 222 17.86 1.44 -30.84
CA ALA B 222 17.19 0.25 -30.31
C ALA B 222 15.72 0.49 -30.00
N ILE B 223 14.91 -0.56 -30.23
CA ILE B 223 13.50 -0.59 -29.87
C ILE B 223 13.26 -1.80 -28.98
N LEU B 224 12.54 -1.59 -27.87
CA LEU B 224 12.27 -2.65 -26.89
C LEU B 224 10.77 -2.76 -26.69
N GLN B 225 10.20 -3.94 -26.95
CA GLN B 225 8.77 -4.16 -26.81
C GLN B 225 8.49 -5.16 -25.69
N SER B 226 7.77 -4.73 -24.65
CA SER B 226 7.36 -5.62 -23.56
C SER B 226 8.52 -6.43 -23.00
N GLY B 227 9.68 -5.78 -22.86
CA GLY B 227 10.80 -6.43 -22.22
C GLY B 227 11.92 -5.44 -22.00
N SER B 228 12.73 -5.68 -20.98
CA SER B 228 13.88 -4.84 -20.65
C SER B 228 14.89 -5.72 -19.96
N PRO B 229 16.17 -5.33 -19.98
CA PRO B 229 17.22 -6.27 -19.54
C PRO B 229 17.18 -6.60 -18.06
N ASN B 230 16.62 -5.69 -17.24
CA ASN B 230 16.52 -5.83 -15.80
C ASN B 230 15.29 -6.60 -15.34
N CYS B 231 14.49 -7.15 -16.25
CA CYS B 231 13.31 -7.92 -15.85
C CYS B 231 13.70 -9.07 -14.92
N PRO B 232 12.85 -9.41 -13.94
CA PRO B 232 13.25 -10.42 -12.95
C PRO B 232 13.44 -11.81 -13.55
N TRP B 233 12.77 -12.11 -14.66
CA TRP B 233 12.88 -13.40 -15.34
C TRP B 233 14.04 -13.46 -16.32
N ALA B 234 14.67 -12.32 -16.63
CA ALA B 234 15.56 -12.25 -17.80
C ALA B 234 17.02 -12.59 -17.50
N SER B 235 17.42 -12.75 -16.23
CA SER B 235 18.78 -13.15 -15.93
C SER B 235 18.84 -13.84 -14.57
N VAL B 236 19.96 -14.53 -14.33
CA VAL B 236 20.25 -15.20 -13.06
C VAL B 236 21.70 -14.96 -12.69
N SER B 237 22.03 -15.21 -11.43
CA SER B 237 23.42 -15.14 -10.98
C SER B 237 24.20 -16.35 -11.49
N VAL B 238 25.52 -16.25 -11.41
CA VAL B 238 26.38 -17.36 -11.79
C VAL B 238 26.15 -18.55 -10.86
N ALA B 239 25.88 -18.26 -9.58
CA ALA B 239 25.60 -19.35 -8.63
C ALA B 239 24.31 -20.07 -9.01
N GLU B 240 23.25 -19.32 -9.31
CA GLU B 240 21.98 -19.97 -9.62
C GLU B 240 22.03 -20.68 -10.97
N GLY B 241 22.72 -20.10 -11.96
CA GLY B 241 22.86 -20.79 -13.23
C GLY B 241 23.64 -22.08 -13.11
N ARG B 242 24.66 -22.08 -12.25
CA ARG B 242 25.36 -23.32 -11.92
C ARG B 242 24.43 -24.31 -11.25
N ARG B 243 23.64 -23.82 -10.29
CA ARG B 243 22.69 -24.69 -9.58
C ARG B 243 21.75 -25.38 -10.56
N ARG B 244 21.20 -24.62 -11.51
CA ARG B 244 20.23 -25.20 -12.44
C ARG B 244 20.90 -26.17 -13.40
N ALA B 245 22.14 -25.88 -13.80
CA ALA B 245 22.83 -26.77 -14.73
C ALA B 245 23.15 -28.10 -14.07
N VAL B 246 23.58 -28.06 -12.80
CA VAL B 246 23.83 -29.29 -12.07
C VAL B 246 22.53 -30.06 -11.86
N GLU B 247 21.44 -29.35 -11.58
CA GLU B 247 20.14 -30.00 -11.42
C GLU B 247 19.68 -30.64 -12.74
N LEU B 248 20.07 -30.06 -13.88
CA LEU B 248 19.72 -30.67 -15.15
C LEU B 248 20.42 -32.02 -15.30
N GLY B 249 21.71 -32.07 -14.97
CA GLY B 249 22.41 -33.35 -14.97
C GLY B 249 21.80 -34.35 -14.00
N ARG B 250 21.46 -33.89 -12.80
CA ARG B 250 20.85 -34.78 -11.81
C ARG B 250 19.57 -35.41 -12.36
N ASN B 251 18.76 -34.63 -13.07
CA ASN B 251 17.56 -35.19 -13.69
C ASN B 251 17.86 -36.17 -14.81
N LEU B 252 19.10 -36.25 -15.29
CA LEU B 252 19.44 -37.13 -16.39
C LEU B 252 20.51 -38.15 -16.01
N ASN B 253 20.67 -38.43 -14.71
CA ASN B 253 21.61 -39.45 -14.23
C ASN B 253 23.02 -39.18 -14.69
N CYS B 254 23.42 -37.91 -14.68
CA CYS B 254 24.74 -37.53 -15.14
C CYS B 254 25.76 -37.60 -14.00
N ASN B 255 27.00 -37.91 -14.38
CA ASN B 255 28.15 -37.73 -13.51
C ASN B 255 28.25 -36.25 -13.15
N LEU B 256 28.20 -35.94 -11.86
CA LEU B 256 28.18 -34.55 -11.40
C LEU B 256 29.47 -34.12 -10.73
N ASN B 257 30.53 -34.93 -10.80
CA ASN B 257 31.72 -34.65 -10.01
C ASN B 257 32.47 -33.42 -10.53
N SER B 258 32.41 -33.15 -11.83
CA SER B 258 33.13 -32.03 -12.41
C SER B 258 32.33 -31.44 -13.56
N ASP B 259 32.68 -30.20 -13.92
CA ASP B 259 32.06 -29.56 -15.06
C ASP B 259 32.27 -30.37 -16.34
N GLU B 260 33.48 -30.92 -16.52
CA GLU B 260 33.81 -31.58 -17.78
C GLU B 260 32.92 -32.79 -18.03
N GLU B 261 32.74 -33.66 -17.03
CA GLU B 261 31.96 -34.86 -17.26
C GLU B 261 30.46 -34.59 -17.22
N LEU B 262 30.03 -33.60 -16.44
CA LEU B 262 28.64 -33.13 -16.53
C LEU B 262 28.34 -32.65 -17.94
N ILE B 263 29.18 -31.77 -18.46
CA ILE B 263 29.01 -31.28 -19.84
C ILE B 263 29.09 -32.43 -20.83
N HIS B 264 30.08 -33.31 -20.67
CA HIS B 264 30.20 -34.46 -21.57
C HIS B 264 28.94 -35.31 -21.53
N CYS B 265 28.38 -35.53 -20.34
CA CYS B 265 27.13 -36.27 -20.23
C CYS B 265 26.01 -35.58 -20.98
N LEU B 266 25.86 -34.27 -20.78
CA LEU B 266 24.77 -33.53 -21.41
C LEU B 266 24.95 -33.44 -22.92
N ARG B 267 26.19 -33.44 -23.42
CA ARG B 267 26.39 -33.41 -24.86
C ARG B 267 26.04 -34.74 -25.54
N GLU B 268 25.98 -35.84 -24.79
CA GLU B 268 25.59 -37.12 -25.38
C GLU B 268 24.08 -37.31 -25.50
N LYS B 269 23.29 -36.49 -24.82
CA LYS B 269 21.84 -36.67 -24.84
C LYS B 269 21.26 -36.14 -26.14
N LYS B 270 20.16 -36.75 -26.58
CA LYS B 270 19.39 -36.20 -27.66
C LYS B 270 18.78 -34.86 -27.21
N PRO B 271 18.55 -33.93 -28.14
CA PRO B 271 18.03 -32.61 -27.73
C PRO B 271 16.75 -32.71 -26.91
N GLN B 272 15.80 -33.56 -27.33
CA GLN B 272 14.52 -33.68 -26.63
C GLN B 272 14.69 -34.19 -25.21
N GLU B 273 15.76 -34.92 -24.91
CA GLU B 273 15.96 -35.40 -23.55
C GLU B 273 16.20 -34.24 -22.59
N LEU B 274 16.95 -33.22 -23.02
CA LEU B 274 17.13 -32.05 -22.17
C LEU B 274 15.84 -31.25 -22.05
N ILE B 275 15.14 -31.09 -23.17
CA ILE B 275 13.90 -30.31 -23.17
C ILE B 275 12.88 -30.94 -22.24
N ASP B 276 12.80 -32.28 -22.22
CA ASP B 276 11.76 -32.95 -21.43
C ASP B 276 11.89 -32.67 -19.94
N VAL B 277 13.08 -32.34 -19.45
CA VAL B 277 13.30 -32.08 -18.02
C VAL B 277 13.63 -30.63 -17.74
N GLU B 278 13.58 -29.76 -18.76
CA GLU B 278 14.00 -28.37 -18.65
C GLU B 278 13.30 -27.64 -17.49
N TRP B 279 11.99 -27.79 -17.39
CA TRP B 279 11.22 -27.08 -16.37
C TRP B 279 11.46 -27.59 -14.96
N ASN B 280 12.06 -28.77 -14.79
CA ASN B 280 12.25 -29.34 -13.47
C ASN B 280 13.32 -28.63 -12.65
N VAL B 281 14.14 -27.75 -13.26
CA VAL B 281 15.25 -27.15 -12.53
C VAL B 281 14.91 -25.79 -11.92
N LEU B 282 13.67 -25.31 -12.09
CA LEU B 282 13.30 -24.05 -11.47
C LEU B 282 13.26 -24.21 -9.95
N PRO B 283 13.63 -23.17 -9.19
CA PRO B 283 13.67 -23.32 -7.73
C PRO B 283 12.29 -23.33 -7.08
N PHE B 284 11.27 -22.78 -7.72
CA PHE B 284 9.96 -22.68 -7.09
C PHE B 284 8.86 -22.91 -8.11
N ASP B 285 7.70 -23.36 -7.60
CA ASP B 285 6.47 -23.22 -8.35
CA ASP B 285 6.47 -23.23 -8.36
C ASP B 285 6.27 -21.76 -8.72
N SER B 286 6.07 -21.48 -10.00
CA SER B 286 6.07 -20.08 -10.40
C SER B 286 5.40 -19.93 -11.76
N ILE B 287 5.09 -18.67 -12.10
CA ILE B 287 4.74 -18.31 -13.45
C ILE B 287 5.66 -17.16 -13.88
N PHE B 288 5.83 -17.02 -15.19
CA PHE B 288 6.74 -16.02 -15.76
C PHE B 288 8.17 -16.20 -15.23
N ARG B 289 8.58 -17.46 -15.08
CA ARG B 289 9.97 -17.80 -14.76
C ARG B 289 10.42 -18.92 -15.69
N PHE B 290 11.70 -18.84 -16.11
CA PHE B 290 12.23 -19.72 -17.15
C PHE B 290 13.60 -20.22 -16.73
N SER B 291 13.89 -21.47 -17.10
CA SER B 291 15.01 -22.19 -16.51
C SER B 291 16.36 -21.65 -16.97
N PHE B 292 16.58 -21.52 -18.27
CA PHE B 292 17.91 -21.19 -18.80
C PHE B 292 17.87 -19.83 -19.48
N VAL B 293 18.42 -18.82 -18.80
CA VAL B 293 18.35 -17.42 -19.21
C VAL B 293 19.76 -16.83 -19.12
N PRO B 294 19.98 -15.60 -19.62
CA PRO B 294 21.29 -14.97 -19.48
C PRO B 294 21.79 -14.96 -18.04
N VAL B 295 23.12 -14.96 -17.89
CA VAL B 295 23.77 -15.03 -16.59
C VAL B 295 24.64 -13.78 -16.41
N ILE B 296 24.58 -13.18 -15.21
CA ILE B 296 25.41 -12.01 -14.90
C ILE B 296 26.82 -12.49 -14.60
N ASP B 297 27.68 -12.48 -15.62
CA ASP B 297 28.88 -13.30 -15.63
C ASP B 297 30.18 -12.53 -15.40
N GLY B 298 30.18 -11.21 -15.53
CA GLY B 298 31.42 -10.46 -15.49
C GLY B 298 32.14 -10.34 -16.83
N GLU B 299 31.56 -10.86 -17.91
CA GLU B 299 32.16 -10.77 -19.23
C GLU B 299 31.19 -10.12 -20.22
N PHE B 300 30.13 -10.81 -20.62
CA PHE B 300 29.09 -10.15 -21.41
C PHE B 300 28.50 -8.97 -20.65
N PHE B 301 28.33 -9.11 -19.34
CA PHE B 301 27.92 -8.01 -18.47
C PHE B 301 29.05 -7.76 -17.48
N PRO B 302 29.80 -6.65 -17.61
CA PRO B 302 30.96 -6.45 -16.73
C PRO B 302 30.64 -6.38 -15.24
N THR B 303 29.50 -5.79 -14.86
CA THR B 303 29.06 -5.75 -13.47
C THR B 303 27.55 -5.94 -13.44
N SER B 304 26.96 -5.79 -12.26
CA SER B 304 25.52 -5.94 -12.11
C SER B 304 24.79 -4.98 -13.03
N LEU B 305 23.62 -5.39 -13.50
CA LEU B 305 22.83 -4.54 -14.39
C LEU B 305 22.50 -3.21 -13.71
N GLU B 306 22.17 -3.25 -12.42
CA GLU B 306 21.80 -2.03 -11.72
C GLU B 306 22.96 -1.06 -11.64
N SER B 307 24.18 -1.56 -11.40
CA SER B 307 25.32 -0.66 -11.29
C SER B 307 25.71 -0.08 -12.65
N MET B 308 25.57 -0.87 -13.72
CA MET B 308 25.78 -0.32 -15.06
C MET B 308 24.76 0.76 -15.37
N LEU B 309 23.49 0.51 -15.05
CA LEU B 309 22.44 1.51 -15.24
C LEU B 309 22.71 2.78 -14.43
N ASN B 310 23.14 2.61 -13.17
CA ASN B 310 23.36 3.77 -12.31
C ASN B 310 24.54 4.61 -12.80
N SER B 311 25.60 3.97 -13.29
CA SER B 311 26.82 4.67 -13.65
C SER B 311 26.81 5.21 -15.09
N GLY B 312 25.82 4.86 -15.89
CA GLY B 312 25.86 5.25 -17.29
C GLY B 312 26.73 4.37 -18.15
N ASN B 313 27.11 3.19 -17.66
CA ASN B 313 27.94 2.26 -18.44
C ASN B 313 27.05 1.50 -19.42
N PHE B 314 26.68 2.18 -20.50
CA PHE B 314 25.89 1.58 -21.56
C PHE B 314 25.98 2.47 -22.78
N LYS B 315 25.50 1.94 -23.91
CA LYS B 315 25.46 2.70 -25.15
C LYS B 315 24.50 3.87 -25.01
N LYS B 316 24.96 5.07 -25.37
CA LYS B 316 24.17 6.28 -25.29
C LYS B 316 23.64 6.60 -26.68
N THR B 317 22.36 6.39 -26.88
CA THR B 317 21.75 6.63 -28.18
C THR B 317 20.28 6.96 -27.95
N GLN B 318 19.45 6.77 -28.98
CA GLN B 318 18.02 6.95 -28.88
C GLN B 318 17.33 5.60 -28.71
N ILE B 319 16.29 5.56 -27.89
CA ILE B 319 15.50 4.35 -27.74
C ILE B 319 14.02 4.66 -27.87
N LEU B 320 13.29 3.67 -28.38
CA LEU B 320 11.83 3.70 -28.41
C LEU B 320 11.35 2.39 -27.80
N LEU B 321 10.41 2.46 -26.83
CA LEU B 321 10.04 1.25 -26.10
C LEU B 321 8.68 1.42 -25.45
N GLY B 322 8.10 0.29 -25.01
CA GLY B 322 6.77 0.36 -24.42
C GLY B 322 6.25 -1.01 -24.03
N VAL B 323 4.98 -1.03 -23.63
CA VAL B 323 4.32 -2.20 -23.03
C VAL B 323 2.88 -2.27 -23.51
N ASN B 324 2.25 -3.43 -23.27
CA ASN B 324 0.85 -3.67 -23.56
C ASN B 324 0.02 -3.62 -22.27
N LYS B 325 -1.28 -3.39 -22.42
CA LYS B 325 -2.10 -3.15 -21.23
C LYS B 325 -2.22 -4.39 -20.33
N ASP B 326 -2.25 -5.59 -20.91
CA ASP B 326 -2.51 -6.80 -20.10
C ASP B 326 -1.41 -7.84 -20.34
N GLU B 327 -0.16 -7.46 -20.02
CA GLU B 327 0.98 -8.35 -20.20
C GLU B 327 0.80 -9.65 -19.42
N GLY B 328 0.08 -9.63 -18.31
CA GLY B 328 0.10 -10.81 -17.46
C GLY B 328 -0.87 -11.93 -17.84
N SER B 329 -1.84 -11.68 -18.71
CA SER B 329 -2.98 -12.60 -18.81
C SER B 329 -2.58 -13.96 -19.38
N PHE B 330 -1.68 -13.97 -20.36
CA PHE B 330 -1.29 -15.24 -20.97
C PHE B 330 -0.60 -16.16 -19.95
N PHE B 331 0.21 -15.59 -19.06
CA PHE B 331 0.90 -16.39 -18.05
C PHE B 331 -0.05 -16.94 -16.99
N LEU B 332 -1.09 -16.18 -16.63
CA LEU B 332 -2.07 -16.71 -15.70
C LEU B 332 -2.89 -17.83 -16.33
N LEU B 333 -3.31 -17.64 -17.58
CA LEU B 333 -4.06 -18.69 -18.28
C LEU B 333 -3.30 -20.01 -18.26
N TYR B 334 -1.99 -19.97 -18.48
CA TYR B 334 -1.21 -21.20 -18.59
C TYR B 334 -0.77 -21.73 -17.24
N GLY B 335 -0.63 -20.87 -16.23
CA GLY B 335 0.02 -21.31 -15.02
C GLY B 335 -0.71 -21.14 -13.69
N ALA B 336 -1.88 -20.51 -13.67
CA ALA B 336 -2.48 -20.19 -12.35
C ALA B 336 -3.88 -20.78 -12.19
N PRO B 337 -4.27 -21.13 -10.97
CA PRO B 337 -5.59 -21.79 -10.79
C PRO B 337 -6.76 -20.83 -10.98
N GLY B 338 -7.81 -21.34 -11.61
CA GLY B 338 -9.04 -20.60 -11.84
C GLY B 338 -9.15 -19.95 -13.21
N PHE B 339 -8.08 -19.97 -14.00
CA PHE B 339 -8.07 -19.34 -15.31
C PHE B 339 -8.34 -20.37 -16.39
N SER B 340 -9.13 -19.97 -17.38
CA SER B 340 -9.44 -20.83 -18.51
CA SER B 340 -9.45 -20.84 -18.50
C SER B 340 -9.73 -19.97 -19.72
N LYS B 341 -9.43 -20.50 -20.90
CA LYS B 341 -9.64 -19.71 -22.11
C LYS B 341 -11.09 -19.74 -22.57
N ASP B 342 -11.90 -20.66 -22.02
CA ASP B 342 -13.31 -20.77 -22.38
C ASP B 342 -14.25 -20.28 -21.29
N SER B 343 -13.77 -19.43 -20.38
CA SER B 343 -14.64 -18.84 -19.36
C SER B 343 -14.11 -17.47 -19.01
N GLU B 344 -14.93 -16.70 -18.28
CA GLU B 344 -14.49 -15.38 -17.86
CA GLU B 344 -14.54 -15.38 -17.81
C GLU B 344 -13.47 -15.42 -16.73
N SER B 345 -13.21 -16.60 -16.15
CA SER B 345 -12.14 -16.80 -15.19
C SER B 345 -12.24 -15.86 -13.99
N LYS B 346 -13.45 -15.74 -13.44
CA LYS B 346 -13.59 -15.07 -12.15
C LYS B 346 -12.82 -15.85 -11.09
N ILE B 347 -12.01 -15.14 -10.33
CA ILE B 347 -11.04 -15.74 -9.44
C ILE B 347 -11.55 -15.64 -8.01
N SER B 348 -11.63 -16.78 -7.34
CA SER B 348 -11.96 -16.81 -5.92
C SER B 348 -10.83 -16.21 -5.11
N ARG B 349 -11.17 -15.85 -3.87
CA ARG B 349 -10.18 -15.35 -2.93
C ARG B 349 -9.07 -16.35 -2.69
N GLU B 350 -9.42 -17.65 -2.60
CA GLU B 350 -8.42 -18.69 -2.43
C GLU B 350 -7.49 -18.77 -3.64
N ASP B 351 -8.06 -18.69 -4.85
CA ASP B 351 -7.22 -18.75 -6.04
C ASP B 351 -6.42 -17.48 -6.24
N PHE B 352 -6.92 -16.33 -5.78
CA PHE B 352 -6.13 -15.10 -5.78
C PHE B 352 -4.87 -15.26 -4.95
N MET B 353 -5.03 -15.75 -3.71
CA MET B 353 -3.89 -15.99 -2.84
C MET B 353 -2.88 -16.93 -3.49
N SER B 354 -3.35 -18.03 -4.11
CA SER B 354 -2.45 -18.94 -4.78
C SER B 354 -1.69 -18.25 -5.90
N GLY B 355 -2.39 -17.44 -6.70
CA GLY B 355 -1.75 -16.76 -7.81
C GLY B 355 -0.71 -15.76 -7.37
N VAL B 356 -0.94 -15.10 -6.24
CA VAL B 356 0.05 -14.14 -5.75
C VAL B 356 1.35 -14.86 -5.45
N LYS B 357 1.26 -16.02 -4.80
CA LYS B 357 2.48 -16.75 -4.47
C LYS B 357 3.18 -17.25 -5.72
N LEU B 358 2.43 -17.69 -6.73
CA LEU B 358 3.05 -18.12 -7.98
C LEU B 358 3.68 -16.95 -8.73
N SER B 359 3.08 -15.76 -8.62
CA SER B 359 3.56 -14.59 -9.35
C SER B 359 4.81 -13.98 -8.72
N VAL B 360 4.96 -14.09 -7.40
CA VAL B 360 6.11 -13.50 -6.74
C VAL B 360 6.80 -14.60 -5.95
N PRO B 361 7.43 -15.56 -6.63
CA PRO B 361 7.90 -16.77 -5.93
C PRO B 361 9.04 -16.52 -4.97
N HIS B 362 9.80 -15.46 -5.18
CA HIS B 362 10.96 -15.16 -4.34
C HIS B 362 10.59 -14.41 -3.06
N ALA B 363 9.32 -14.13 -2.84
CA ALA B 363 8.91 -13.28 -1.73
C ALA B 363 8.69 -14.10 -0.47
N ASN B 364 9.10 -13.53 0.68
CA ASN B 364 8.73 -14.11 1.96
C ASN B 364 7.27 -13.79 2.27
N ASP B 365 6.81 -14.27 3.42
CA ASP B 365 5.41 -14.11 3.79
C ASP B 365 5.02 -12.64 3.95
N LEU B 366 5.92 -11.84 4.56
CA LEU B 366 5.65 -10.41 4.66
C LEU B 366 5.53 -9.78 3.28
N GLY B 367 6.36 -10.20 2.33
CA GLY B 367 6.28 -9.65 0.99
C GLY B 367 4.99 -10.01 0.27
N LEU B 368 4.52 -11.25 0.46
CA LEU B 368 3.24 -11.64 -0.12
C LEU B 368 2.09 -10.82 0.45
N ASP B 369 2.10 -10.60 1.77
CA ASP B 369 1.12 -9.70 2.40
C ASP B 369 1.14 -8.32 1.76
N ALA B 370 2.33 -7.77 1.51
CA ALA B 370 2.43 -6.43 0.92
C ALA B 370 1.79 -6.38 -0.47
N VAL B 371 2.13 -7.37 -1.31
CA VAL B 371 1.53 -7.43 -2.64
C VAL B 371 0.01 -7.53 -2.54
N THR B 372 -0.47 -8.40 -1.65
CA THR B 372 -1.90 -8.62 -1.52
C THR B 372 -2.62 -7.33 -1.14
N LEU B 373 -2.10 -6.62 -0.13
CA LEU B 373 -2.75 -5.40 0.31
C LEU B 373 -2.75 -4.35 -0.77
N GLN B 374 -1.67 -4.30 -1.57
CA GLN B 374 -1.57 -3.28 -2.60
C GLN B 374 -2.58 -3.50 -3.71
N TYR B 375 -3.00 -4.74 -3.95
CA TYR B 375 -3.87 -5.05 -5.08
C TYR B 375 -5.24 -5.59 -4.67
N THR B 376 -5.61 -5.50 -3.40
CA THR B 376 -6.90 -5.99 -2.92
C THR B 376 -7.79 -4.84 -2.50
N ASP B 377 -9.03 -4.86 -2.97
CA ASP B 377 -10.05 -3.91 -2.53
C ASP B 377 -10.78 -4.57 -1.37
N TRP B 378 -10.41 -4.21 -0.14
CA TRP B 378 -11.01 -4.87 1.04
C TRP B 378 -12.44 -4.44 1.31
N MET B 379 -12.98 -3.46 0.57
CA MET B 379 -14.41 -3.23 0.56
CA MET B 379 -14.41 -3.25 0.59
C MET B 379 -15.16 -4.28 -0.25
N ASP B 380 -14.48 -5.03 -1.10
CA ASP B 380 -15.16 -5.87 -2.09
C ASP B 380 -14.26 -7.05 -2.45
N ASP B 381 -13.75 -7.77 -1.44
CA ASP B 381 -12.67 -8.73 -1.63
C ASP B 381 -13.11 -10.05 -2.27
N ASN B 382 -14.41 -10.32 -2.35
CA ASN B 382 -14.89 -11.54 -3.01
C ASN B 382 -15.33 -11.29 -4.44
N ASN B 383 -14.97 -10.15 -5.00
CA ASN B 383 -15.32 -9.83 -6.38
C ASN B 383 -14.38 -10.61 -7.30
N GLY B 384 -14.93 -11.57 -8.04
CA GLY B 384 -14.09 -12.43 -8.85
C GLY B 384 -13.48 -11.71 -10.04
N ILE B 385 -14.15 -10.68 -10.53
CA ILE B 385 -13.62 -9.89 -11.62
C ILE B 385 -12.47 -9.01 -11.12
N LYS B 386 -12.64 -8.38 -9.96
CA LYS B 386 -11.55 -7.58 -9.41
C LYS B 386 -10.37 -8.45 -9.03
N ASN B 387 -10.63 -9.64 -8.49
CA ASN B 387 -9.55 -10.56 -8.16
C ASN B 387 -8.80 -10.99 -9.41
N ARG B 388 -9.54 -11.32 -10.47
CA ARG B 388 -8.94 -11.72 -11.73
C ARG B 388 -8.04 -10.62 -12.28
N ASP B 389 -8.57 -9.40 -12.41
CA ASP B 389 -7.81 -8.29 -12.97
C ASP B 389 -6.67 -7.86 -12.05
N GLY B 390 -6.86 -7.98 -10.73
CA GLY B 390 -5.76 -7.65 -9.83
C GLY B 390 -4.55 -8.55 -10.04
N LEU B 391 -4.80 -9.85 -10.19
CA LEU B 391 -3.74 -10.79 -10.51
C LEU B 391 -3.12 -10.48 -11.88
N ASP B 392 -3.96 -10.18 -12.87
CA ASP B 392 -3.46 -9.77 -14.18
C ASP B 392 -2.50 -8.60 -14.04
N ASP B 393 -2.91 -7.57 -13.29
CA ASP B 393 -2.06 -6.41 -13.08
C ASP B 393 -0.78 -6.78 -12.33
N ILE B 394 -0.90 -7.63 -11.30
CA ILE B 394 0.28 -8.03 -10.55
C ILE B 394 1.33 -8.64 -11.48
N VAL B 395 0.91 -9.59 -12.32
CA VAL B 395 1.86 -10.28 -13.19
C VAL B 395 2.52 -9.30 -14.16
N GLY B 396 1.73 -8.48 -14.84
CA GLY B 396 2.28 -7.58 -15.83
C GLY B 396 3.11 -6.46 -15.22
N ASP B 397 2.70 -5.97 -14.04
CA ASP B 397 3.45 -4.89 -13.39
C ASP B 397 4.80 -5.38 -12.90
N HIS B 398 4.81 -6.50 -12.17
CA HIS B 398 6.04 -7.03 -11.61
C HIS B 398 7.02 -7.47 -12.69
N ASN B 399 6.52 -8.14 -13.73
CA ASN B 399 7.42 -8.80 -14.69
C ASN B 399 7.77 -7.94 -15.90
N VAL B 400 6.89 -7.02 -16.32
CA VAL B 400 7.16 -6.28 -17.54
C VAL B 400 7.17 -4.77 -17.30
N ILE B 401 6.04 -4.22 -16.83
CA ILE B 401 5.86 -2.77 -16.88
C ILE B 401 6.82 -2.06 -15.94
N CYS B 402 6.87 -2.47 -14.67
CA CYS B 402 7.70 -1.72 -13.74
C CYS B 402 9.20 -1.94 -13.96
N PRO B 403 9.67 -3.14 -14.35
CA PRO B 403 11.09 -3.23 -14.76
C PRO B 403 11.40 -2.32 -15.92
N LEU B 404 10.49 -2.22 -16.90
CA LEU B 404 10.75 -1.36 -18.03
C LEU B 404 10.77 0.11 -17.61
N MET B 405 9.86 0.52 -16.71
CA MET B 405 9.86 1.91 -16.26
C MET B 405 11.12 2.22 -15.46
N HIS B 406 11.66 1.24 -14.75
CA HIS B 406 12.93 1.44 -14.05
C HIS B 406 14.05 1.66 -15.06
N PHE B 407 14.08 0.83 -16.12
CA PHE B 407 15.06 0.99 -17.18
C PHE B 407 14.90 2.34 -17.86
N VAL B 408 13.65 2.72 -18.20
CA VAL B 408 13.39 3.98 -18.90
C VAL B 408 13.94 5.17 -18.11
N ASN B 409 13.71 5.15 -16.80
CA ASN B 409 14.13 6.28 -15.99
C ASN B 409 15.64 6.34 -15.82
N LYS B 410 16.29 5.18 -15.62
CA LYS B 410 17.76 5.17 -15.53
C LYS B 410 18.39 5.54 -16.86
N TYR B 411 17.87 4.97 -17.96
CA TYR B 411 18.49 5.22 -19.27
C TYR B 411 18.38 6.69 -19.66
N THR B 412 17.23 7.29 -19.41
CA THR B 412 16.98 8.65 -19.89
C THR B 412 17.93 9.67 -19.23
N LYS B 413 18.54 9.34 -18.10
CA LYS B 413 19.47 10.25 -17.46
C LYS B 413 20.73 10.45 -18.28
N PHE B 414 21.11 9.46 -19.09
CA PHE B 414 22.31 9.50 -19.92
C PHE B 414 22.06 9.41 -21.41
N GLY B 415 20.91 8.89 -21.84
CA GLY B 415 20.66 8.66 -23.25
C GLY B 415 20.49 9.94 -24.06
N ASN B 416 20.20 9.76 -25.35
CA ASN B 416 20.07 10.85 -26.32
C ASN B 416 18.66 10.97 -26.88
N GLY B 417 17.68 10.38 -26.20
CA GLY B 417 16.30 10.54 -26.64
C GLY B 417 15.47 9.28 -26.39
N THR B 418 14.40 9.41 -25.60
CA THR B 418 13.56 8.28 -25.20
C THR B 418 12.14 8.54 -25.65
N TYR B 419 11.53 7.55 -26.30
CA TYR B 419 10.12 7.60 -26.67
C TYR B 419 9.42 6.37 -26.10
N LEU B 420 8.33 6.59 -25.37
CA LEU B 420 7.65 5.55 -24.60
C LEU B 420 6.20 5.44 -25.04
N TYR B 421 5.71 4.19 -25.20
CA TYR B 421 4.33 3.95 -25.63
C TYR B 421 3.62 2.97 -24.70
N PHE B 422 2.29 3.00 -24.78
CA PHE B 422 1.40 2.11 -24.03
C PHE B 422 0.40 1.56 -25.02
N PHE B 423 0.62 0.32 -25.49
CA PHE B 423 -0.24 -0.27 -26.53
C PHE B 423 -1.46 -0.90 -25.86
N ASN B 424 -2.67 -0.43 -26.22
CA ASN B 424 -3.85 -0.87 -25.48
C ASN B 424 -5.03 -1.12 -26.42
N HIS B 425 -4.76 -1.62 -27.62
CA HIS B 425 -5.80 -1.97 -28.58
C HIS B 425 -6.02 -3.47 -28.59
N ARG B 426 -7.26 -3.89 -28.37
CA ARG B 426 -7.64 -5.29 -28.51
C ARG B 426 -8.08 -5.53 -29.95
N ALA B 427 -7.42 -6.48 -30.63
CA ALA B 427 -7.70 -6.71 -32.05
C ALA B 427 -9.12 -7.23 -32.24
N SER B 428 -9.78 -6.74 -33.30
CA SER B 428 -11.18 -7.11 -33.53
C SER B 428 -11.33 -8.59 -33.82
N ASN B 429 -10.28 -9.24 -34.31
CA ASN B 429 -10.34 -10.63 -34.72
C ASN B 429 -9.61 -11.57 -33.76
N LEU B 430 -9.43 -11.15 -32.51
CA LEU B 430 -8.66 -11.95 -31.56
C LEU B 430 -9.34 -13.28 -31.26
N VAL B 431 -8.54 -14.35 -31.20
CA VAL B 431 -9.08 -15.67 -30.93
C VAL B 431 -9.12 -16.00 -29.44
N TRP B 432 -8.53 -15.16 -28.59
CA TRP B 432 -8.45 -15.37 -27.17
C TRP B 432 -9.60 -14.65 -26.45
N PRO B 433 -10.00 -15.10 -25.26
CA PRO B 433 -11.19 -14.52 -24.62
C PRO B 433 -10.97 -13.08 -24.16
N GLU B 434 -12.10 -12.41 -23.91
CA GLU B 434 -12.09 -10.98 -23.63
CA GLU B 434 -12.07 -10.98 -23.65
C GLU B 434 -11.35 -10.65 -22.34
N TRP B 435 -11.39 -11.56 -21.34
CA TRP B 435 -10.76 -11.22 -20.06
C TRP B 435 -9.25 -11.05 -20.19
N MET B 436 -8.63 -11.65 -21.21
CA MET B 436 -7.19 -11.55 -21.37
C MET B 436 -6.74 -10.20 -21.89
N GLY B 437 -7.67 -9.41 -22.45
CA GLY B 437 -7.36 -8.02 -22.76
C GLY B 437 -6.37 -7.87 -23.91
N VAL B 438 -5.37 -7.01 -23.71
CA VAL B 438 -4.35 -6.70 -24.71
C VAL B 438 -3.11 -7.50 -24.32
N ILE B 439 -2.96 -8.65 -24.98
CA ILE B 439 -2.11 -9.75 -24.54
C ILE B 439 -0.65 -9.51 -24.89
N HIS B 440 0.24 -10.06 -24.06
CA HIS B 440 1.68 -10.13 -24.33
C HIS B 440 1.94 -10.76 -25.71
N GLY B 441 2.54 -9.96 -26.60
CA GLY B 441 2.87 -10.40 -27.95
C GLY B 441 1.93 -9.90 -29.04
N TYR B 442 0.77 -9.36 -28.68
CA TYR B 442 -0.23 -9.07 -29.70
C TYR B 442 -0.11 -7.65 -30.26
N GLU B 443 0.93 -6.92 -29.90
CA GLU B 443 1.27 -5.75 -30.70
C GLU B 443 2.15 -6.11 -31.90
N ILE B 444 2.76 -7.30 -31.91
CA ILE B 444 3.74 -7.63 -32.95
C ILE B 444 3.09 -7.61 -34.33
N GLU B 445 1.89 -8.16 -34.46
CA GLU B 445 1.22 -8.23 -35.75
C GLU B 445 0.94 -6.84 -36.32
N PHE B 446 0.77 -5.84 -35.44
CA PHE B 446 0.62 -4.47 -35.93
C PHE B 446 1.97 -3.89 -36.37
N VAL B 447 3.04 -4.17 -35.62
CA VAL B 447 4.38 -3.71 -35.98
C VAL B 447 4.80 -4.28 -37.33
N PHE B 448 4.42 -5.52 -37.62
CA PHE B 448 4.81 -6.19 -38.86
C PHE B 448 3.78 -6.06 -39.97
N GLY B 449 2.74 -5.26 -39.76
CA GLY B 449 1.85 -4.89 -40.85
C GLY B 449 0.85 -5.93 -41.29
N LEU B 450 0.60 -6.95 -40.48
CA LEU B 450 -0.38 -7.94 -40.88
C LEU B 450 -1.78 -7.38 -41.11
N PRO B 451 -2.25 -6.33 -40.39
CA PRO B 451 -3.56 -5.76 -40.74
C PRO B 451 -3.66 -5.20 -42.15
N LEU B 452 -2.55 -5.03 -42.86
CA LEU B 452 -2.61 -4.60 -44.26
C LEU B 452 -3.07 -5.71 -45.19
N VAL B 453 -3.12 -6.95 -44.72
CA VAL B 453 -3.54 -8.08 -45.52
C VAL B 453 -5.06 -8.22 -45.35
N LYS B 454 -5.81 -7.94 -46.41
CA LYS B 454 -7.26 -7.94 -46.29
C LYS B 454 -7.84 -9.32 -45.96
N GLU B 455 -7.14 -10.39 -46.34
CA GLU B 455 -7.63 -11.74 -46.02
C GLU B 455 -7.65 -12.02 -44.52
N LEU B 456 -6.88 -11.29 -43.72
CA LEU B 456 -6.85 -11.52 -42.28
C LEU B 456 -8.01 -10.88 -41.53
N ASN B 457 -8.79 -10.03 -42.20
CA ASN B 457 -10.04 -9.47 -41.67
C ASN B 457 -9.81 -8.52 -40.49
N TYR B 458 -8.77 -7.70 -40.55
CA TYR B 458 -8.71 -6.57 -39.64
C TYR B 458 -9.63 -5.46 -40.13
N THR B 459 -10.01 -4.56 -39.23
CA THR B 459 -10.83 -3.42 -39.63
C THR B 459 -9.97 -2.39 -40.38
N ALA B 460 -10.66 -1.44 -41.02
CA ALA B 460 -9.95 -0.34 -41.66
C ALA B 460 -9.22 0.52 -40.65
N GLU B 461 -9.80 0.71 -39.45
CA GLU B 461 -9.08 1.46 -38.41
C GLU B 461 -7.83 0.72 -37.96
N GLU B 462 -7.87 -0.62 -37.95
CA GLU B 462 -6.70 -1.37 -37.53
C GLU B 462 -5.59 -1.33 -38.59
N GLU B 463 -5.97 -1.33 -39.88
CA GLU B 463 -4.95 -1.11 -40.91
C GLU B 463 -4.28 0.24 -40.75
N ALA B 464 -5.07 1.28 -40.48
CA ALA B 464 -4.48 2.61 -40.29
C ALA B 464 -3.56 2.62 -39.08
N LEU B 465 -3.96 1.94 -38.00
CA LEU B 465 -3.11 1.87 -36.81
C LEU B 465 -1.80 1.16 -37.12
N SER B 466 -1.87 0.01 -37.82
CA SER B 466 -0.66 -0.68 -38.24
C SER B 466 0.24 0.22 -39.06
N ARG B 467 -0.33 0.99 -39.99
CA ARG B 467 0.49 1.84 -40.85
C ARG B 467 1.17 2.95 -40.06
N ARG B 468 0.49 3.56 -39.07
CA ARG B 468 1.17 4.60 -38.31
C ARG B 468 2.23 4.00 -37.38
N ILE B 469 2.03 2.78 -36.89
CA ILE B 469 3.02 2.15 -36.03
C ILE B 469 4.26 1.77 -36.85
N MET B 470 4.05 1.14 -38.01
CA MET B 470 5.18 0.85 -38.89
C MET B 470 5.94 2.12 -39.25
N HIS B 471 5.24 3.23 -39.48
CA HIS B 471 5.93 4.46 -39.86
C HIS B 471 6.64 5.09 -38.66
N TYR B 472 6.05 5.05 -37.47
CA TYR B 472 6.78 5.46 -36.26
C TYR B 472 8.07 4.64 -36.12
N TRP B 473 7.95 3.31 -36.21
CA TRP B 473 9.09 2.43 -36.00
C TRP B 473 10.19 2.72 -37.00
N ALA B 474 9.82 2.81 -38.28
CA ALA B 474 10.81 2.98 -39.33
C ALA B 474 11.40 4.39 -39.35
N THR B 475 10.56 5.41 -39.15
CA THR B 475 11.08 6.78 -39.07
C THR B 475 12.03 6.93 -37.89
N PHE B 476 11.68 6.33 -36.74
CA PHE B 476 12.63 6.28 -35.63
C PHE B 476 13.92 5.57 -36.07
N ALA B 477 13.78 4.43 -36.74
CA ALA B 477 14.96 3.70 -37.18
C ALA B 477 15.85 4.57 -38.04
N LYS B 478 15.25 5.35 -38.96
CA LYS B 478 16.04 6.16 -39.90
C LYS B 478 16.64 7.40 -39.26
N THR B 479 15.95 7.99 -38.27
CA THR B 479 16.31 9.32 -37.79
C THR B 479 16.52 9.42 -36.28
N GLY B 480 16.06 8.45 -35.48
CA GLY B 480 16.10 8.59 -34.04
C GLY B 480 14.91 9.32 -33.46
N ASN B 481 13.89 9.60 -34.25
CA ASN B 481 12.69 10.34 -33.86
C ASN B 481 11.53 9.69 -34.61
N PRO B 482 10.49 9.20 -33.92
CA PRO B 482 9.37 8.57 -34.64
C PRO B 482 8.55 9.57 -35.44
N ASN B 483 8.69 10.86 -35.15
CA ASN B 483 7.91 11.92 -35.79
C ASN B 483 8.61 12.38 -37.05
N GLU B 484 7.82 12.66 -38.09
CA GLU B 484 8.32 13.42 -39.23
C GLU B 484 8.18 14.89 -38.89
N PRO B 485 9.28 15.63 -38.67
CA PRO B 485 9.15 17.05 -38.40
C PRO B 485 8.56 17.77 -39.61
N HIS B 486 7.89 18.88 -39.36
CA HIS B 486 7.17 19.68 -40.36
C HIS B 486 5.90 18.99 -40.85
N SER B 487 5.63 17.75 -40.43
CA SER B 487 4.37 17.13 -40.76
C SER B 487 3.25 17.73 -39.92
N GLN B 488 2.02 17.52 -40.38
CA GLN B 488 0.83 18.04 -39.71
C GLN B 488 0.32 17.13 -38.61
N GLU B 489 0.86 15.92 -38.49
CA GLU B 489 0.30 14.91 -37.59
C GLU B 489 0.58 15.26 -36.12
N SER B 490 -0.12 14.56 -35.23
CA SER B 490 0.15 14.70 -33.81
C SER B 490 1.57 14.24 -33.50
N LYS B 491 2.24 14.94 -32.59
CA LYS B 491 3.63 14.66 -32.27
C LYS B 491 3.73 13.79 -31.03
N TRP B 492 4.46 12.68 -31.15
CA TRP B 492 4.83 11.83 -30.03
C TRP B 492 5.96 12.51 -29.26
N PRO B 493 5.74 13.00 -28.05
CA PRO B 493 6.77 13.77 -27.36
C PRO B 493 7.85 12.89 -26.75
N LEU B 494 9.05 13.46 -26.66
CA LEU B 494 10.14 12.87 -25.89
C LEU B 494 9.71 12.55 -24.47
N PHE B 495 10.14 11.40 -23.97
CA PHE B 495 10.11 11.12 -22.55
C PHE B 495 11.27 11.84 -21.87
N THR B 496 10.98 12.66 -20.88
CA THR B 496 12.01 13.37 -20.14
C THR B 496 11.93 13.00 -18.66
N THR B 497 13.08 13.08 -17.98
CA THR B 497 13.12 12.80 -16.54
C THR B 497 12.06 13.59 -15.78
N LYS B 498 11.86 14.85 -16.14
CA LYS B 498 10.96 15.71 -15.37
C LYS B 498 9.50 15.40 -15.68
N GLU B 499 9.13 15.41 -16.96
CA GLU B 499 7.72 15.35 -17.34
C GLU B 499 7.23 13.93 -17.66
N GLN B 500 8.11 13.02 -18.06
CA GLN B 500 7.81 11.58 -18.10
C GLN B 500 6.63 11.25 -19.02
N LYS B 501 6.58 11.89 -20.19
CA LYS B 501 5.44 11.73 -21.08
C LYS B 501 5.52 10.43 -21.88
N PHE B 502 4.34 9.91 -22.22
CA PHE B 502 4.20 8.76 -23.12
C PHE B 502 2.88 8.90 -23.85
N ILE B 503 2.71 8.13 -24.92
CA ILE B 503 1.46 8.10 -25.66
C ILE B 503 0.83 6.71 -25.56
N ASP B 504 -0.50 6.68 -25.66
CA ASP B 504 -1.20 5.44 -25.96
C ASP B 504 -1.06 5.14 -27.45
N LEU B 505 -0.95 3.86 -27.79
CA LEU B 505 -1.09 3.41 -29.17
C LEU B 505 -2.39 2.64 -29.29
N ASN B 506 -3.35 3.19 -30.02
CA ASN B 506 -4.62 2.53 -30.30
C ASN B 506 -5.23 3.23 -31.51
N THR B 507 -6.50 2.91 -31.81
CA THR B 507 -7.15 3.45 -33.01
C THR B 507 -7.75 4.82 -32.80
N GLU B 508 -7.70 5.37 -31.58
CA GLU B 508 -8.21 6.70 -31.30
C GLU B 508 -7.13 7.75 -31.58
N PRO B 509 -7.53 9.01 -31.74
CA PRO B 509 -6.54 10.10 -31.78
C PRO B 509 -5.61 10.05 -30.57
N MET B 510 -4.39 10.53 -30.79
CA MET B 510 -3.31 10.37 -29.81
C MET B 510 -3.66 11.07 -28.50
N LYS B 511 -3.36 10.41 -27.39
CA LYS B 511 -3.40 11.00 -26.07
C LYS B 511 -2.00 10.94 -25.47
N VAL B 512 -1.57 12.04 -24.88
CA VAL B 512 -0.31 12.13 -24.16
C VAL B 512 -0.62 12.00 -22.68
N HIS B 513 0.14 11.14 -21.99
CA HIS B 513 0.01 10.93 -20.55
C HIS B 513 1.36 11.11 -19.90
N GLN B 514 1.38 11.08 -18.57
CA GLN B 514 2.61 11.15 -17.79
C GLN B 514 2.62 10.11 -16.69
N ARG B 515 3.83 9.67 -16.33
CA ARG B 515 4.11 8.79 -15.19
C ARG B 515 3.34 7.47 -15.31
N LEU B 516 3.79 6.67 -16.26
CA LEU B 516 3.13 5.39 -16.55
C LEU B 516 3.14 4.47 -15.32
N ARG B 517 1.94 4.14 -14.83
CA ARG B 517 1.70 3.26 -13.69
C ARG B 517 2.66 3.56 -12.52
N VAL B 518 2.81 4.85 -12.25
CA VAL B 518 3.80 5.31 -11.29
C VAL B 518 3.52 4.76 -9.89
N GLN B 519 2.24 4.67 -9.52
CA GLN B 519 1.92 4.25 -8.15
C GLN B 519 2.35 2.81 -7.90
N MET B 520 1.91 1.88 -8.77
CA MET B 520 2.33 0.51 -8.59
CA MET B 520 2.32 0.50 -8.63
C MET B 520 3.84 0.34 -8.78
N CYS B 521 4.45 1.14 -9.66
CA CYS B 521 5.88 0.93 -9.85
C CYS B 521 6.73 1.48 -8.72
N VAL B 522 6.24 2.49 -7.97
CA VAL B 522 6.93 2.80 -6.72
C VAL B 522 6.94 1.57 -5.82
N PHE B 523 5.81 0.86 -5.75
CA PHE B 523 5.75 -0.35 -4.94
C PHE B 523 6.75 -1.40 -5.42
N TRP B 524 6.71 -1.73 -6.71
CA TRP B 524 7.55 -2.82 -7.22
C TRP B 524 9.03 -2.43 -7.26
N ASN B 525 9.34 -1.16 -7.53
CA ASN B 525 10.72 -0.76 -7.78
C ASN B 525 11.43 -0.21 -6.55
N GLN B 526 10.69 0.34 -5.58
CA GLN B 526 11.33 0.88 -4.38
C GLN B 526 10.89 0.14 -3.12
N PHE B 527 9.60 0.05 -2.84
CA PHE B 527 9.19 -0.45 -1.53
C PHE B 527 9.44 -1.93 -1.38
N LEU B 528 8.90 -2.75 -2.31
CA LEU B 528 9.03 -4.20 -2.12
C LEU B 528 10.48 -4.67 -2.01
N PRO B 529 11.41 -4.23 -2.86
CA PRO B 529 12.80 -4.70 -2.72
C PRO B 529 13.41 -4.33 -1.38
N LYS B 530 13.08 -3.13 -0.88
CA LYS B 530 13.54 -2.75 0.46
C LYS B 530 12.94 -3.67 1.52
N LEU B 531 11.67 -4.05 1.37
CA LEU B 531 11.05 -4.98 2.32
C LEU B 531 11.71 -6.35 2.24
N LEU B 532 11.93 -6.87 1.03
CA LEU B 532 12.49 -8.21 0.91
C LEU B 532 13.93 -8.28 1.42
N ASN B 533 14.64 -7.16 1.43
CA ASN B 533 16.01 -7.07 1.92
C ASN B 533 16.09 -6.75 3.42
N ALA B 534 15.04 -7.05 4.19
CA ALA B 534 14.95 -6.48 5.54
C ALA B 534 15.75 -7.28 6.57
N THR B 535 15.29 -8.51 6.86
CA THR B 535 15.78 -9.32 8.00
C THR B 535 15.73 -8.52 9.30
#